data_7YFT
#
_entry.id   7YFT
#
_cell.length_a   56.930
_cell.length_b   143.730
_cell.length_c   62.440
_cell.angle_alpha   90.000
_cell.angle_beta   100.010
_cell.angle_gamma   90.000
#
_symmetry.space_group_name_H-M   'P 1 21 1'
#
loop_
_entity.id
_entity.type
_entity.pdbx_description
1 polymer 'Bifunctional cytochrome P450/NADPH--P450 reductase'
2 non-polymer 'PROTOPORPHYRIN IX CONTAINING FE'
3 non-polymer HYDROXYAMINE
4 non-polymer 2,3-dihydro-1H-indene
5 non-polymer '(2~{S})-2-(5-imidazol-1-ylpentanoylamino)-3-phenyl-propanoic acid'
6 water water
#
_entity_poly.entity_id   1
_entity_poly.type   'polypeptide(L)'
_entity_poly.pdbx_seq_one_letter_code
;MGMTIKEMPQPKTFGELKNLPLLNTDKPVQALMKIADELGEIFKFEAPGRVTRYLSSQRLIKEACDESRFDKNLSQALKF
VRDFCGDGLATSWTHEKNWKKAHNILLPSFSQQAMKGYHAMMVDIAVQLVQKWERLNADEHIEVPEDMTRLTLDTIGLCG
FNYRFNSFYRDQPHPFITSMVRAMDEAMNKLQRANPDDPAYDENKRQFQEDIKVMNDLVDKIIADRKASGEQSDDLLTHM
LNGKDPETGEPLDDENIRYQIITFLIAGHEVTSGLLSFALYFLVKNPHVLQKAAEEAARVLVDPVPSYKQVKQLKYVGMV
LNEALRLWPTAPAFSLYAKEDTVLGGEYPLEKGDELMVLIPQLHRDKTIWGDDVEEFRPERFENPSAIPQHAFKPFGNGQ
RACIGQQFALHEATLVLGMMLKHFDFEDHTNYELDIKETLTLKPEGFVVKAKSKKIPLLEHHHHHH
;
_entity_poly.pdbx_strand_id   A,B
#
# COMPACT_ATOMS: atom_id res chain seq x y z
N MET A 8 18.34 1.11 -29.00
CA MET A 8 17.79 1.69 -27.77
C MET A 8 18.26 3.14 -27.56
N PRO A 9 17.34 4.01 -27.15
CA PRO A 9 17.63 5.45 -27.13
C PRO A 9 18.81 5.80 -26.24
N GLN A 10 19.43 6.96 -26.56
CA GLN A 10 20.60 7.48 -25.87
C GLN A 10 20.44 8.99 -25.81
N PRO A 11 20.73 9.62 -24.69
CA PRO A 11 20.62 11.09 -24.63
C PRO A 11 21.76 11.79 -25.36
N LYS A 12 21.70 13.11 -25.41
CA LYS A 12 22.63 13.90 -26.18
C LYS A 12 24.06 13.62 -25.74
N THR A 13 24.97 13.66 -26.70
CA THR A 13 26.37 13.34 -26.49
C THR A 13 27.24 14.57 -26.62
N PHE A 14 28.46 14.44 -26.10
CA PHE A 14 29.42 15.54 -26.12
C PHE A 14 30.73 15.07 -26.78
N GLY A 15 30.64 14.67 -28.03
CA GLY A 15 31.85 14.18 -28.70
C GLY A 15 32.40 12.97 -27.98
N GLU A 16 33.72 12.95 -27.78
CA GLU A 16 34.35 11.80 -27.14
C GLU A 16 34.08 11.75 -25.66
N LEU A 17 33.42 12.76 -25.09
CA LEU A 17 32.91 12.63 -23.72
C LEU A 17 31.57 11.91 -23.67
N LYS A 18 30.94 11.68 -24.81
CA LYS A 18 29.67 10.93 -24.90
C LYS A 18 28.67 11.60 -23.96
N ASN A 19 27.99 10.85 -23.10
CA ASN A 19 26.97 11.48 -22.30
C ASN A 19 27.48 12.06 -20.99
N LEU A 20 28.67 11.71 -20.56
CA LEU A 20 29.15 12.05 -19.21
C LEU A 20 28.90 13.52 -18.83
N PRO A 21 29.21 14.53 -19.69
CA PRO A 21 28.95 15.93 -19.32
C PRO A 21 27.53 16.14 -18.87
N LEU A 22 26.62 15.25 -19.25
CA LEU A 22 25.25 15.35 -18.75
C LEU A 22 25.23 15.27 -17.24
N LEU A 23 26.10 14.44 -16.67
CA LEU A 23 26.18 14.37 -15.21
C LEU A 23 26.99 15.51 -14.60
N ASN A 24 27.72 16.25 -15.41
CA ASN A 24 28.44 17.42 -14.94
C ASN A 24 27.41 18.49 -14.61
N THR A 25 26.62 18.26 -13.56
CA THR A 25 25.53 19.16 -13.21
C THR A 25 25.29 19.02 -11.72
N ASP A 26 24.68 20.05 -11.13
CA ASP A 26 24.39 19.99 -9.71
C ASP A 26 23.39 18.89 -9.41
N LYS A 27 22.48 18.60 -10.35
CA LYS A 27 21.36 17.70 -10.11
C LYS A 27 21.42 16.59 -11.15
N PRO A 28 22.30 15.62 -10.97
CA PRO A 28 22.40 14.55 -11.98
C PRO A 28 21.18 13.65 -11.98
N VAL A 29 20.69 13.26 -10.81
CA VAL A 29 19.54 12.36 -10.77
C VAL A 29 18.36 12.97 -11.49
N GLN A 30 18.08 14.25 -11.19
CA GLN A 30 16.99 14.97 -11.83
C GLN A 30 17.26 15.12 -13.31
N ALA A 31 18.51 15.33 -13.69
CA ALA A 31 18.83 15.34 -15.10
C ALA A 31 18.50 14.02 -15.76
N LEU A 32 18.85 12.91 -15.11
CA LEU A 32 18.55 11.59 -15.64
C LEU A 32 17.04 11.34 -15.68
N MET A 33 16.31 11.91 -14.74
CA MET A 33 14.87 11.73 -14.74
C MET A 33 14.21 12.37 -15.94
N LYS A 34 14.61 13.60 -16.29
CA LYS A 34 14.05 14.27 -17.46
C LYS A 34 14.47 13.55 -18.75
N ILE A 35 15.68 13.00 -18.78
CA ILE A 35 16.05 12.15 -19.90
C ILE A 35 15.12 10.94 -19.96
N ALA A 36 14.96 10.25 -18.82
CA ALA A 36 14.07 9.10 -18.81
C ALA A 36 12.67 9.48 -19.25
N ASP A 37 12.16 10.63 -18.80
CA ASP A 37 10.88 11.12 -19.31
C ASP A 37 10.92 11.25 -20.83
N GLU A 38 12.01 11.79 -21.37
CA GLU A 38 12.12 11.97 -22.81
C GLU A 38 12.25 10.63 -23.51
N LEU A 39 13.23 9.83 -23.11
CA LEU A 39 13.59 8.65 -23.89
C LEU A 39 12.80 7.40 -23.48
N GLY A 40 12.32 7.35 -22.25
CA GLY A 40 11.45 6.26 -21.86
C GLY A 40 12.02 5.26 -20.88
N GLU A 41 11.50 4.04 -20.91
CA GLU A 41 11.79 3.05 -19.87
C GLU A 41 13.25 2.66 -19.81
N ILE A 42 14.01 2.91 -20.86
CA ILE A 42 15.43 2.58 -20.86
C ILE A 42 16.18 3.50 -21.82
N PHE A 43 17.29 4.08 -21.36
CA PHE A 43 18.17 4.78 -22.29
C PHE A 43 19.61 4.41 -21.99
N LYS A 44 20.37 4.17 -23.05
CA LYS A 44 21.79 3.89 -22.94
C LYS A 44 22.51 5.16 -22.53
N PHE A 45 23.41 5.05 -21.57
CA PHE A 45 24.19 6.18 -21.10
C PHE A 45 25.65 5.81 -21.20
N GLU A 46 26.40 6.55 -22.02
CA GLU A 46 27.80 6.25 -22.28
C GLU A 46 28.70 7.32 -21.67
N ALA A 47 29.83 6.89 -21.12
CA ALA A 47 30.87 7.76 -20.66
C ALA A 47 32.20 7.21 -21.17
N PRO A 48 33.24 8.02 -21.22
CA PRO A 48 34.53 7.51 -21.72
C PRO A 48 34.92 6.20 -21.06
N GLY A 49 34.94 5.12 -21.83
CA GLY A 49 35.27 3.82 -21.25
C GLY A 49 34.26 3.33 -20.24
N ARG A 50 32.97 3.59 -20.50
CA ARG A 50 31.92 3.23 -19.58
C ARG A 50 30.59 3.23 -20.33
N VAL A 51 29.78 2.21 -20.07
CA VAL A 51 28.44 2.11 -20.64
C VAL A 51 27.49 1.53 -19.60
N THR A 52 26.36 2.18 -19.43
CA THR A 52 25.31 1.64 -18.62
C THR A 52 23.97 1.92 -19.30
N ARG A 53 22.93 1.32 -18.74
CA ARG A 53 21.57 1.43 -19.25
C ARG A 53 20.68 1.81 -18.09
N TYR A 54 20.03 2.96 -18.17
CA TYR A 54 19.19 3.45 -17.09
C TYR A 54 17.77 2.93 -17.26
N LEU A 55 17.35 2.09 -16.33
CA LEU A 55 16.00 1.56 -16.33
C LEU A 55 15.08 2.47 -15.55
N SER A 56 13.89 2.72 -16.11
CA SER A 56 12.92 3.60 -15.47
C SER A 56 11.51 3.01 -15.37
N SER A 57 11.26 1.82 -15.91
CA SER A 57 9.93 1.24 -15.87
C SER A 57 9.91 0.01 -14.99
N GLN A 58 8.80 -0.18 -14.27
CA GLN A 58 8.66 -1.37 -13.45
C GLN A 58 8.79 -2.63 -14.29
N ARG A 59 8.35 -2.55 -15.55
CA ARG A 59 8.46 -3.69 -16.46
C ARG A 59 9.91 -4.18 -16.56
N LEU A 60 10.84 -3.26 -16.80
CA LEU A 60 12.22 -3.68 -16.96
C LEU A 60 12.91 -3.91 -15.63
N ILE A 61 12.55 -3.13 -14.61
CA ILE A 61 13.25 -3.20 -13.33
C ILE A 61 12.86 -4.47 -12.60
N LYS A 62 11.63 -4.96 -12.76
CA LYS A 62 11.29 -6.22 -12.14
C LYS A 62 12.18 -7.33 -12.65
N GLU A 63 12.59 -7.25 -13.92
CA GLU A 63 13.53 -8.22 -14.46
C GLU A 63 14.94 -7.96 -13.96
N ALA A 64 15.37 -6.69 -13.99
CA ALA A 64 16.69 -6.35 -13.45
C ALA A 64 16.81 -6.79 -12.00
N CYS A 65 15.69 -6.83 -11.29
CA CYS A 65 15.64 -7.23 -9.90
C CYS A 65 15.60 -8.73 -9.75
N ASP A 66 15.63 -9.47 -10.84
CA ASP A 66 15.82 -10.91 -10.76
C ASP A 66 17.26 -11.16 -10.36
N GLU A 67 17.46 -11.62 -9.12
CA GLU A 67 18.81 -11.84 -8.62
C GLU A 67 19.50 -13.02 -9.33
N SER A 68 18.73 -14.00 -9.83
CA SER A 68 19.37 -15.07 -10.57
C SER A 68 20.04 -14.53 -11.83
N ARG A 69 19.60 -13.38 -12.33
CA ARG A 69 20.08 -12.82 -13.59
C ARG A 69 20.96 -11.60 -13.43
N PHE A 70 20.70 -10.80 -12.41
CA PHE A 70 21.41 -9.56 -12.18
C PHE A 70 21.84 -9.43 -10.73
N ASP A 71 23.08 -8.96 -10.56
CA ASP A 71 23.68 -8.77 -9.25
C ASP A 71 23.93 -7.28 -9.05
N LYS A 72 24.07 -6.87 -7.80
CA LYS A 72 24.42 -5.49 -7.55
C LYS A 72 25.73 -5.13 -8.25
N ASN A 73 25.70 -4.02 -8.95
CA ASN A 73 26.93 -3.45 -9.47
C ASN A 73 27.29 -2.26 -8.61
N LEU A 74 28.59 -2.01 -8.49
CA LEU A 74 29.10 -0.78 -7.88
C LEU A 74 29.16 0.27 -8.99
N SER A 75 28.18 1.19 -8.99
CA SER A 75 28.26 2.38 -9.82
C SER A 75 29.61 3.04 -9.61
N GLN A 76 30.05 3.89 -10.53
CA GLN A 76 31.33 4.55 -10.29
C GLN A 76 31.29 5.36 -8.99
N ALA A 77 30.12 5.86 -8.61
CA ALA A 77 30.02 6.58 -7.36
C ALA A 77 30.40 5.69 -6.20
N LEU A 78 29.74 4.51 -6.10
CA LEU A 78 30.03 3.57 -5.05
C LEU A 78 31.48 3.11 -5.10
N LYS A 79 32.07 3.04 -6.29
CA LYS A 79 33.48 2.67 -6.39
C LYS A 79 34.38 3.74 -5.78
N PHE A 80 34.08 5.00 -6.00
CA PHE A 80 34.86 6.06 -5.35
C PHE A 80 34.48 6.18 -3.87
N VAL A 81 33.24 5.88 -3.52
CA VAL A 81 32.89 5.85 -2.10
C VAL A 81 33.55 4.65 -1.45
N ARG A 82 33.75 3.59 -2.21
CA ARG A 82 34.48 2.44 -1.70
C ARG A 82 35.86 2.83 -1.19
N ASP A 83 36.41 3.96 -1.63
CA ASP A 83 37.72 4.38 -1.16
C ASP A 83 37.75 4.70 0.32
N PHE A 84 36.61 5.04 0.90
CA PHE A 84 36.55 5.19 2.36
C PHE A 84 35.54 4.26 3.00
N CYS A 85 34.65 3.63 2.24
CA CYS A 85 33.76 2.63 2.79
C CYS A 85 34.24 1.21 2.56
N GLY A 86 35.37 1.05 1.85
CA GLY A 86 35.99 -0.25 1.67
C GLY A 86 35.00 -1.28 1.22
N ASP A 87 35.24 -2.51 1.69
CA ASP A 87 34.29 -3.59 1.53
C ASP A 87 33.21 -3.57 2.60
N GLY A 88 32.78 -2.37 3.00
CA GLY A 88 31.54 -2.25 3.71
C GLY A 88 30.38 -2.84 2.93
N LEU A 89 29.30 -3.15 3.64
CA LEU A 89 28.18 -3.84 3.02
C LEU A 89 27.76 -3.16 1.72
N ALA A 90 27.64 -1.83 1.73
CA ALA A 90 27.07 -1.14 0.60
C ALA A 90 28.04 -1.04 -0.57
N THR A 91 29.33 -1.08 -0.29
CA THR A 91 30.37 -0.99 -1.32
C THR A 91 31.07 -2.31 -1.54
N SER A 92 30.51 -3.39 -1.04
CA SER A 92 31.02 -4.72 -1.32
C SER A 92 30.29 -5.30 -2.52
N TRP A 93 31.03 -6.09 -3.31
CA TRP A 93 30.41 -6.94 -4.30
C TRP A 93 29.82 -8.18 -3.61
N THR A 94 28.68 -8.61 -4.13
CA THR A 94 27.96 -9.75 -3.55
C THR A 94 28.85 -10.96 -3.37
N HIS A 95 29.82 -11.13 -4.26
CA HIS A 95 30.71 -12.27 -4.27
C HIS A 95 31.94 -12.08 -3.40
N GLU A 96 32.13 -10.90 -2.82
CA GLU A 96 33.23 -10.72 -1.88
C GLU A 96 32.87 -11.39 -0.58
N LYS A 97 33.75 -12.15 0.01
CA LYS A 97 33.41 -12.90 1.20
C LYS A 97 32.93 -12.00 2.31
N ASN A 98 33.45 -10.79 2.32
CA ASN A 98 33.12 -9.90 3.42
C ASN A 98 31.68 -9.39 3.32
N TRP A 99 31.12 -9.36 2.11
CA TRP A 99 29.75 -8.87 1.99
C TRP A 99 28.82 -9.81 2.75
N LYS A 100 28.78 -11.08 2.33
CA LYS A 100 27.88 -12.05 2.95
C LYS A 100 28.24 -12.26 4.41
N LYS A 101 29.54 -12.21 4.72
CA LYS A 101 29.97 -12.27 6.11
C LYS A 101 29.31 -11.14 6.90
N ALA A 102 29.56 -9.89 6.48
CA ALA A 102 28.99 -8.72 7.15
C ALA A 102 27.47 -8.69 7.05
N HIS A 103 26.92 -9.19 5.93
CA HIS A 103 25.47 -9.29 5.78
C HIS A 103 24.87 -10.25 6.83
N ASN A 104 25.45 -11.45 6.93
CA ASN A 104 24.94 -12.41 7.90
C ASN A 104 25.13 -11.89 9.31
N ILE A 105 26.28 -11.29 9.58
CA ILE A 105 26.54 -10.84 10.95
C ILE A 105 25.58 -9.72 11.31
N LEU A 106 25.29 -8.84 10.38
CA LEU A 106 24.51 -7.64 10.68
C LEU A 106 23.03 -7.71 10.43
N LEU A 107 22.60 -8.63 9.60
CA LEU A 107 21.16 -8.74 9.40
C LEU A 107 20.40 -8.80 10.72
N PRO A 108 20.82 -9.60 11.70
CA PRO A 108 20.09 -9.60 12.99
C PRO A 108 20.11 -8.26 13.68
N SER A 109 21.15 -7.46 13.45
CA SER A 109 21.20 -6.14 14.07
C SER A 109 20.30 -5.13 13.37
N PHE A 110 19.60 -5.52 12.31
CA PHE A 110 18.76 -4.58 11.59
C PHE A 110 17.33 -5.02 11.42
N SER A 111 16.89 -6.00 12.11
CA SER A 111 15.52 -6.40 12.02
C SER A 111 14.61 -5.48 12.79
N GLN A 112 13.31 -5.65 12.66
CA GLN A 112 12.35 -4.90 13.45
C GLN A 112 12.54 -5.18 14.90
N GLN A 113 12.80 -6.43 15.20
CA GLN A 113 13.01 -6.83 16.55
C GLN A 113 14.28 -6.19 17.08
N ALA A 114 15.26 -6.02 16.20
CA ALA A 114 16.45 -5.29 16.59
C ALA A 114 16.10 -3.87 16.95
N MET A 115 15.10 -3.30 16.26
CA MET A 115 14.73 -1.91 16.49
C MET A 115 14.33 -1.66 17.93
N LYS A 116 13.67 -2.65 18.55
CA LYS A 116 13.30 -2.53 19.96
C LYS A 116 14.47 -2.06 20.80
N GLY A 117 15.67 -2.57 20.53
CA GLY A 117 16.83 -2.14 21.30
C GLY A 117 17.28 -0.75 20.92
N TYR A 118 17.20 -0.40 19.64
CA TYR A 118 17.61 0.91 19.20
C TYR A 118 16.57 1.99 19.51
N HIS A 119 15.34 1.58 19.85
CA HIS A 119 14.27 2.56 20.01
C HIS A 119 14.64 3.64 21.04
N ALA A 120 15.16 3.22 22.20
CA ALA A 120 15.48 4.19 23.24
C ALA A 120 16.47 5.23 22.74
N MET A 121 17.53 4.79 22.07
CA MET A 121 18.54 5.70 21.54
C MET A 121 17.96 6.61 20.47
N MET A 122 17.13 6.05 19.59
CA MET A 122 16.48 6.90 18.60
C MET A 122 15.64 7.97 19.28
N VAL A 123 14.88 7.57 20.31
CA VAL A 123 14.05 8.52 21.05
C VAL A 123 14.91 9.61 21.68
N ASP A 124 16.02 9.21 22.30
CA ASP A 124 16.95 10.19 22.84
C ASP A 124 17.25 11.29 21.82
N ILE A 125 17.61 10.90 20.60
CA ILE A 125 17.91 11.91 19.60
C ILE A 125 16.63 12.60 19.15
N ALA A 126 15.54 11.84 19.02
CA ALA A 126 14.30 12.44 18.53
C ALA A 126 13.81 13.50 19.50
N VAL A 127 13.92 13.23 20.80
CA VAL A 127 13.53 14.20 21.80
C VAL A 127 14.41 15.45 21.69
N GLN A 128 15.69 15.27 21.39
CA GLN A 128 16.54 16.46 21.21
C GLN A 128 16.00 17.34 20.08
N LEU A 129 15.63 16.70 18.98
CA LEU A 129 15.05 17.43 17.86
C LEU A 129 13.82 18.19 18.33
N VAL A 130 12.92 17.48 19.02
CA VAL A 130 11.69 18.10 19.50
C VAL A 130 12.03 19.24 20.44
N GLN A 131 12.97 19.02 21.35
CA GLN A 131 13.35 20.07 22.29
C GLN A 131 13.98 21.25 21.56
N LYS A 132 14.78 20.99 20.53
CA LYS A 132 15.33 22.11 19.78
C LYS A 132 14.21 22.97 19.24
N TRP A 133 13.21 22.33 18.63
CA TRP A 133 12.10 23.05 18.03
C TRP A 133 11.19 23.63 19.09
N GLU A 134 11.00 22.92 20.21
CA GLU A 134 10.26 23.49 21.33
C GLU A 134 10.87 24.81 21.77
N ARG A 135 12.17 24.96 21.56
CA ARG A 135 12.90 26.10 22.12
C ARG A 135 13.20 27.22 21.15
N LEU A 136 12.78 27.05 19.93
CA LEU A 136 12.84 28.15 18.97
C LEU A 136 11.91 29.25 19.41
N ASN A 137 12.31 30.49 19.13
CA ASN A 137 11.49 31.66 19.44
C ASN A 137 10.45 31.88 18.35
N ALA A 138 9.47 32.71 18.67
CA ALA A 138 8.43 33.05 17.71
C ALA A 138 9.05 33.56 16.42
N ASP A 139 8.48 33.13 15.31
CA ASP A 139 8.88 33.60 14.00
C ASP A 139 10.23 33.05 13.58
N GLU A 140 10.95 32.42 14.50
CA GLU A 140 12.14 31.68 14.11
C GLU A 140 11.72 30.45 13.33
N HIS A 141 12.57 30.03 12.41
CA HIS A 141 12.23 28.93 11.53
C HIS A 141 13.22 27.78 11.70
N ILE A 142 12.87 26.67 11.07
CA ILE A 142 13.66 25.45 11.11
C ILE A 142 14.31 25.26 9.74
N GLU A 143 15.55 24.85 9.74
CA GLU A 143 16.21 24.47 8.56
C GLU A 143 16.01 22.96 8.65
N VAL A 144 15.03 22.44 7.96
CA VAL A 144 14.65 21.03 8.12
C VAL A 144 15.76 20.08 7.76
N PRO A 145 16.23 20.06 6.52
CA PRO A 145 17.30 19.17 6.07
C PRO A 145 18.44 19.17 7.12
N GLU A 146 18.92 20.34 7.48
CA GLU A 146 19.99 20.50 8.44
C GLU A 146 19.63 19.78 9.72
N ASP A 147 18.44 20.07 10.28
CA ASP A 147 18.03 19.47 11.54
C ASP A 147 17.79 17.97 11.37
N MET A 148 17.17 17.54 10.28
CA MET A 148 17.01 16.12 10.07
C MET A 148 18.37 15.43 9.99
N THR A 149 19.35 16.04 9.34
CA THR A 149 20.68 15.42 9.30
C THR A 149 21.30 15.35 10.69
N ARG A 150 21.13 16.40 11.48
CA ARG A 150 21.58 16.36 12.87
C ARG A 150 20.97 15.15 13.56
N LEU A 151 19.68 14.93 13.34
CA LEU A 151 19.01 13.84 14.03
C LEU A 151 19.47 12.49 13.50
N THR A 152 19.48 12.31 12.17
CA THR A 152 19.77 10.99 11.64
C THR A 152 21.22 10.62 11.89
N LEU A 153 22.12 11.56 11.70
CA LEU A 153 23.51 11.30 11.99
C LEU A 153 23.72 10.99 13.47
N ASP A 154 23.06 11.73 14.37
CA ASP A 154 23.21 11.43 15.80
C ASP A 154 22.52 10.15 16.16
N THR A 155 21.44 9.84 15.48
CA THR A 155 20.77 8.55 15.72
C THR A 155 21.67 7.37 15.36
N ILE A 156 22.32 7.47 14.24
CA ILE A 156 23.19 6.41 13.77
C ILE A 156 24.42 6.31 14.68
N GLY A 157 24.97 7.45 15.06
CA GLY A 157 26.10 7.42 15.96
C GLY A 157 25.77 6.71 17.25
N LEU A 158 24.65 7.12 17.84
CA LEU A 158 24.30 6.55 19.10
C LEU A 158 23.97 5.09 18.87
N CYS A 159 23.23 4.78 17.81
CA CYS A 159 22.79 3.40 17.55
C CYS A 159 23.82 2.51 16.91
N GLY A 160 24.75 3.12 16.25
CA GLY A 160 25.77 2.40 15.59
C GLY A 160 26.85 2.03 16.56
N PHE A 161 27.33 3.02 17.30
CA PHE A 161 28.38 2.74 18.21
C PHE A 161 28.39 3.58 19.51
N ASN A 162 27.23 3.86 20.05
CA ASN A 162 27.13 4.60 21.31
C ASN A 162 27.94 5.88 21.28
N TYR A 163 28.08 6.46 20.12
CA TYR A 163 28.80 7.72 19.97
C TYR A 163 27.82 8.86 19.79
N ARG A 164 28.03 9.95 20.50
CA ARG A 164 27.16 11.12 20.43
C ARG A 164 27.89 12.17 19.62
N PHE A 165 27.47 12.34 18.37
CA PHE A 165 27.96 13.45 17.58
C PHE A 165 27.47 14.78 18.13
N ASN A 166 26.38 14.76 18.92
CA ASN A 166 25.88 15.98 19.57
C ASN A 166 25.68 17.09 18.55
N SER A 167 25.11 16.71 17.41
CA SER A 167 24.94 17.65 16.31
C SER A 167 23.99 18.79 16.68
N PHE A 168 23.09 18.56 17.62
CA PHE A 168 22.19 19.62 18.06
C PHE A 168 22.88 20.63 18.95
N TYR A 169 24.13 20.39 19.33
CA TYR A 169 24.89 21.34 20.11
C TYR A 169 25.86 22.11 19.24
N ARG A 170 25.74 21.99 17.92
CA ARG A 170 26.76 22.50 17.01
C ARG A 170 26.12 23.26 15.88
N ASP A 171 26.83 24.29 15.41
CA ASP A 171 26.61 24.84 14.08
C ASP A 171 27.53 24.15 13.08
N GLN A 172 28.85 24.12 13.36
CA GLN A 172 29.79 23.39 12.53
C GLN A 172 29.69 21.90 12.83
N PRO A 173 29.69 21.06 11.79
CA PRO A 173 29.53 19.62 12.04
C PRO A 173 30.77 19.00 12.68
N HIS A 174 30.56 17.85 13.29
CA HIS A 174 31.64 17.12 13.93
C HIS A 174 32.77 16.92 12.93
N PRO A 175 34.02 17.01 13.37
CA PRO A 175 35.14 16.84 12.41
C PRO A 175 34.99 15.64 11.49
N PHE A 176 34.56 14.51 12.02
CA PHE A 176 34.33 13.34 11.18
C PHE A 176 33.36 13.66 10.06
N ILE A 177 32.25 14.34 10.39
CA ILE A 177 31.22 14.63 9.40
C ILE A 177 31.70 15.65 8.39
N THR A 178 32.62 16.56 8.79
CA THR A 178 33.21 17.47 7.81
C THR A 178 34.03 16.69 6.80
N SER A 179 34.82 15.73 7.29
CA SER A 179 35.61 14.87 6.41
C SER A 179 34.72 13.96 5.56
N MET A 180 33.70 13.37 6.17
CA MET A 180 32.82 12.47 5.43
C MET A 180 32.14 13.19 4.29
N VAL A 181 31.50 14.31 4.58
CA VAL A 181 30.79 15.06 3.54
C VAL A 181 31.77 15.50 2.47
N ARG A 182 32.98 15.86 2.86
CA ARG A 182 34.02 16.32 1.92
C ARG A 182 34.46 15.14 1.06
N ALA A 183 34.59 13.96 1.62
CA ALA A 183 34.96 12.84 0.80
C ALA A 183 33.85 12.42 -0.13
N MET A 184 32.60 12.56 0.28
CA MET A 184 31.51 12.25 -0.64
C MET A 184 31.52 13.22 -1.81
N ASP A 185 31.81 14.49 -1.53
CA ASP A 185 31.90 15.50 -2.60
C ASP A 185 33.03 15.23 -3.55
N GLU A 186 34.15 14.82 -3.02
CA GLU A 186 35.27 14.40 -3.86
C GLU A 186 34.89 13.19 -4.69
N ALA A 187 34.28 12.18 -4.06
CA ALA A 187 33.83 11.01 -4.80
C ALA A 187 32.88 11.41 -5.93
N MET A 188 31.91 12.28 -5.63
CA MET A 188 30.98 12.72 -6.66
C MET A 188 31.69 13.55 -7.72
N ASN A 189 32.53 14.50 -7.29
CA ASN A 189 33.20 15.37 -8.24
C ASN A 189 34.05 14.54 -9.20
N LYS A 190 34.66 13.46 -8.71
CA LYS A 190 35.58 12.71 -9.52
C LYS A 190 34.90 11.79 -10.51
N LEU A 191 33.56 11.84 -10.59
CA LEU A 191 32.87 11.21 -11.71
C LEU A 191 33.10 11.99 -13.00
N GLN A 192 33.25 13.31 -12.88
CA GLN A 192 33.45 14.19 -14.02
C GLN A 192 34.92 14.50 -14.29
N ARG A 193 35.85 13.87 -13.59
CA ARG A 193 37.27 14.18 -13.71
C ARG A 193 37.87 13.31 -14.81
N ALA A 194 38.27 13.95 -15.91
CA ALA A 194 38.85 13.21 -17.02
C ALA A 194 40.29 12.82 -16.75
N ASN A 195 41.10 13.78 -16.31
CA ASN A 195 42.51 13.53 -16.00
C ASN A 195 42.68 13.65 -14.49
N PRO A 196 42.40 12.58 -13.73
CA PRO A 196 42.45 12.72 -12.27
C PRO A 196 43.84 13.02 -11.74
N ASP A 197 44.86 12.44 -12.34
CA ASP A 197 46.23 12.64 -11.85
C ASP A 197 46.82 14.00 -12.24
N ASP A 198 46.01 14.87 -12.84
CA ASP A 198 46.47 16.22 -13.14
C ASP A 198 46.85 16.93 -11.85
N PRO A 199 47.97 17.64 -11.82
CA PRO A 199 48.34 18.37 -10.59
C PRO A 199 47.21 19.24 -10.05
N ALA A 200 46.33 19.78 -10.90
CA ALA A 200 45.25 20.61 -10.43
C ALA A 200 44.41 19.91 -9.37
N TYR A 201 44.42 18.58 -9.35
CA TYR A 201 43.70 17.80 -8.36
C TYR A 201 44.60 17.28 -7.25
N ASP A 202 45.84 17.77 -7.17
CA ASP A 202 46.72 17.32 -6.10
C ASP A 202 46.10 17.57 -4.73
N GLU A 203 45.64 18.81 -4.48
CA GLU A 203 45.09 19.14 -3.18
C GLU A 203 43.74 18.48 -2.98
N ASN A 204 42.92 18.40 -4.03
CA ASN A 204 41.65 17.69 -3.90
C ASN A 204 41.91 16.24 -3.49
N LYS A 205 42.90 15.61 -4.12
CA LYS A 205 43.26 14.25 -3.74
C LYS A 205 43.93 14.22 -2.37
N ARG A 206 44.81 15.19 -2.10
CA ARG A 206 45.38 15.29 -0.76
C ARG A 206 44.29 15.53 0.27
N GLN A 207 43.36 16.43 -0.03
CA GLN A 207 42.20 16.62 0.85
C GLN A 207 41.44 15.32 1.05
N PHE A 208 41.31 14.52 -0.01
CA PHE A 208 40.58 13.27 0.10
C PHE A 208 41.32 12.32 1.04
N GLN A 209 42.63 12.14 0.84
CA GLN A 209 43.38 11.27 1.72
C GLN A 209 43.35 11.79 3.14
N GLU A 210 43.35 13.12 3.29
CA GLU A 210 43.20 13.69 4.62
C GLU A 210 41.87 13.29 5.23
N ASP A 211 40.79 13.34 4.44
CA ASP A 211 39.48 12.98 4.94
C ASP A 211 39.38 11.48 5.21
N ILE A 212 39.93 10.65 4.32
CA ILE A 212 39.96 9.22 4.59
C ILE A 212 40.71 8.95 5.88
N LYS A 213 41.99 9.32 5.93
CA LYS A 213 42.80 9.11 7.12
C LYS A 213 42.12 9.66 8.37
N VAL A 214 41.28 10.68 8.20
CA VAL A 214 40.57 11.26 9.34
C VAL A 214 39.48 10.32 9.84
N MET A 215 38.51 10.01 8.98
CA MET A 215 37.41 9.16 9.40
C MET A 215 37.91 7.84 9.99
N ASN A 216 38.92 7.23 9.35
CA ASN A 216 39.42 5.94 9.81
C ASN A 216 39.96 6.02 11.22
N ASP A 217 40.93 6.91 11.45
CA ASP A 217 41.52 7.01 12.78
C ASP A 217 40.44 7.25 13.82
N LEU A 218 39.50 8.13 13.53
CA LEU A 218 38.45 8.44 14.50
C LEU A 218 37.53 7.26 14.76
N VAL A 219 37.14 6.54 13.70
CA VAL A 219 36.29 5.37 13.87
C VAL A 219 37.10 4.22 14.48
N ASP A 220 38.35 4.06 14.05
CA ASP A 220 39.18 2.96 14.56
C ASP A 220 39.42 3.11 16.04
N LYS A 221 39.64 4.34 16.52
CA LYS A 221 39.78 4.56 17.95
C LYS A 221 38.51 4.16 18.69
N ILE A 222 37.36 4.52 18.15
CA ILE A 222 36.11 4.14 18.83
C ILE A 222 36.01 2.62 18.92
N ILE A 223 36.45 1.90 17.89
CA ILE A 223 36.51 0.45 17.98
C ILE A 223 37.56 0.01 18.98
N ALA A 224 38.74 0.64 18.96
CA ALA A 224 39.75 0.35 19.96
C ALA A 224 39.25 0.67 21.36
N ASP A 225 38.53 1.79 21.51
CA ASP A 225 37.96 2.15 22.80
C ASP A 225 37.00 1.06 23.30
N ARG A 226 36.07 0.64 22.44
CA ARG A 226 35.08 -0.35 22.83
C ARG A 226 35.76 -1.67 23.21
N LYS A 227 36.61 -2.19 22.33
CA LYS A 227 37.26 -3.47 22.59
C LYS A 227 38.17 -3.41 23.83
N ALA A 228 38.80 -2.25 24.07
CA ALA A 228 39.64 -2.13 25.26
C ALA A 228 38.78 -2.06 26.53
N SER A 229 37.74 -1.20 26.50
CA SER A 229 36.87 -1.05 27.66
C SER A 229 36.06 -2.32 27.92
N GLY A 230 35.91 -3.17 26.91
CA GLY A 230 35.18 -4.42 27.04
C GLY A 230 33.72 -4.28 27.39
N GLU A 231 33.14 -3.09 27.24
CA GLU A 231 31.77 -2.84 27.61
C GLU A 231 30.82 -3.34 26.52
N GLN A 232 29.60 -3.63 26.95
CA GLN A 232 28.56 -4.22 26.09
C GLN A 232 27.33 -3.32 26.07
N SER A 233 27.18 -2.53 25.01
CA SER A 233 25.95 -1.80 24.74
C SER A 233 25.07 -2.67 23.84
N ASP A 234 23.88 -2.16 23.51
CA ASP A 234 23.08 -2.86 22.51
C ASP A 234 23.05 -2.03 21.24
N ASP A 235 24.22 -1.85 20.64
CA ASP A 235 24.34 -1.12 19.40
C ASP A 235 25.00 -2.02 18.35
N LEU A 236 25.10 -1.48 17.14
CA LEU A 236 25.66 -2.23 16.04
C LEU A 236 27.07 -2.69 16.35
N LEU A 237 27.88 -1.79 16.91
CA LEU A 237 29.30 -2.05 17.10
C LEU A 237 29.52 -3.25 18.00
N THR A 238 28.75 -3.35 19.08
CA THR A 238 28.81 -4.56 19.92
C THR A 238 28.55 -5.78 19.07
N HIS A 239 27.46 -5.75 18.27
CA HIS A 239 27.10 -6.88 17.42
C HIS A 239 28.22 -7.22 16.42
N MET A 240 28.93 -6.22 15.92
CA MET A 240 30.04 -6.50 15.02
C MET A 240 31.28 -7.02 15.74
N LEU A 241 31.55 -6.55 16.95
CA LEU A 241 32.68 -7.09 17.69
C LEU A 241 32.43 -8.51 18.15
N ASN A 242 31.17 -8.87 18.42
CA ASN A 242 30.82 -10.17 18.96
C ASN A 242 30.20 -11.09 17.94
N GLY A 243 29.75 -10.57 16.80
CA GLY A 243 29.05 -11.40 15.83
C GLY A 243 29.96 -12.39 15.13
N LYS A 244 29.43 -13.58 14.88
CA LYS A 244 30.12 -14.61 14.12
C LYS A 244 29.25 -14.94 12.92
N ASP A 245 29.82 -14.84 11.72
CA ASP A 245 29.10 -15.24 10.52
C ASP A 245 28.81 -16.73 10.61
N PRO A 246 27.55 -17.16 10.73
CA PRO A 246 27.30 -18.63 10.83
C PRO A 246 27.91 -19.42 9.67
N GLU A 247 28.01 -18.82 8.50
CA GLU A 247 28.54 -19.56 7.35
C GLU A 247 30.03 -19.77 7.49
N THR A 248 30.80 -18.69 7.40
CA THR A 248 32.25 -18.79 7.52
C THR A 248 32.68 -19.10 8.94
N GLY A 249 31.84 -18.82 9.92
CA GLY A 249 32.18 -18.93 11.31
C GLY A 249 33.05 -17.80 11.81
N GLU A 250 33.39 -16.89 10.92
CA GLU A 250 34.27 -15.85 11.27
C GLU A 250 33.60 -14.55 11.72
N PRO A 251 34.22 -13.86 12.71
CA PRO A 251 33.77 -12.50 13.03
C PRO A 251 34.37 -11.49 12.04
N LEU A 252 33.83 -10.29 12.07
CA LEU A 252 34.37 -9.23 11.26
C LEU A 252 35.69 -8.74 11.84
N ASP A 253 36.71 -8.62 11.00
CA ASP A 253 37.96 -8.07 11.46
C ASP A 253 37.82 -6.55 11.62
N ASP A 254 38.78 -5.94 12.31
CA ASP A 254 38.66 -4.54 12.67
C ASP A 254 38.50 -3.66 11.44
N GLU A 255 39.29 -3.91 10.40
CA GLU A 255 39.23 -3.06 9.20
C GLU A 255 37.82 -3.03 8.63
N ASN A 256 37.15 -4.17 8.60
CA ASN A 256 35.82 -4.22 8.03
C ASN A 256 34.82 -3.55 8.95
N ILE A 257 34.90 -3.84 10.24
CA ILE A 257 34.01 -3.17 11.19
C ILE A 257 34.05 -1.66 10.99
N ARG A 258 35.27 -1.11 10.90
CA ARG A 258 35.42 0.30 10.60
C ARG A 258 34.70 0.68 9.29
N TYR A 259 34.93 -0.11 8.24
CA TYR A 259 34.25 0.19 6.98
C TYR A 259 32.74 0.15 7.18
N GLN A 260 32.25 -0.79 7.98
CA GLN A 260 30.81 -0.86 8.22
C GLN A 260 30.34 0.37 8.96
N ILE A 261 31.10 0.78 9.98
CA ILE A 261 30.71 1.95 10.74
C ILE A 261 30.64 3.17 9.83
N ILE A 262 31.73 3.44 9.11
CA ILE A 262 31.72 4.51 8.10
C ILE A 262 30.51 4.34 7.18
N THR A 263 30.27 3.10 6.74
CA THR A 263 29.13 2.81 5.85
C THR A 263 27.82 3.13 6.53
N PHE A 264 27.68 2.68 7.74
CA PHE A 264 26.45 2.92 8.41
C PHE A 264 26.26 4.45 8.66
N LEU A 265 27.32 5.16 9.04
CA LEU A 265 27.23 6.58 9.33
C LEU A 265 26.80 7.36 8.11
N ILE A 266 27.31 6.99 6.94
CA ILE A 266 26.92 7.67 5.72
C ILE A 266 25.46 7.37 5.42
N ALA A 267 25.07 6.10 5.50
CA ALA A 267 23.71 5.72 5.15
C ALA A 267 22.71 6.38 6.09
N GLY A 268 23.09 6.60 7.33
CA GLY A 268 22.22 7.24 8.29
C GLY A 268 22.37 8.73 8.32
N HIS A 269 23.17 9.28 7.42
CA HIS A 269 23.39 10.71 7.37
C HIS A 269 22.29 11.33 6.52
N GLU A 270 22.63 11.82 5.33
CA GLU A 270 21.68 12.57 4.53
C GLU A 270 20.72 11.66 3.76
N VAL A 271 20.89 10.35 3.81
CA VAL A 271 19.95 9.47 3.11
C VAL A 271 18.65 9.35 3.88
N THR A 272 18.73 9.03 5.18
CA THR A 272 17.52 8.99 6.00
C THR A 272 17.02 10.40 6.27
N SER A 273 17.93 11.35 6.51
CA SER A 273 17.56 12.73 6.73
C SER A 273 16.74 13.25 5.55
N GLY A 274 17.14 12.85 4.37
CA GLY A 274 16.42 13.25 3.21
C GLY A 274 14.97 12.83 3.24
N LEU A 275 14.71 11.60 3.59
CA LEU A 275 13.37 11.08 3.66
C LEU A 275 12.57 11.98 4.56
N LEU A 276 13.11 12.20 5.76
CA LEU A 276 12.42 13.02 6.72
C LEU A 276 12.13 14.42 6.20
N SER A 277 13.09 15.00 5.51
CA SER A 277 12.92 16.34 4.95
C SER A 277 11.90 16.34 3.83
N PHE A 278 11.98 15.34 2.94
CA PHE A 278 10.98 15.23 1.90
C PHE A 278 9.61 14.98 2.49
N ALA A 279 9.54 14.08 3.49
CA ALA A 279 8.27 13.84 4.15
C ALA A 279 7.72 15.16 4.68
N LEU A 280 8.51 15.90 5.44
CA LEU A 280 8.00 17.14 6.03
C LEU A 280 7.60 18.13 4.94
N TYR A 281 8.42 18.23 3.90
CA TYR A 281 8.04 19.07 2.78
C TYR A 281 6.65 18.70 2.25
N PHE A 282 6.46 17.42 1.96
CA PHE A 282 5.18 17.03 1.39
C PHE A 282 4.03 17.18 2.36
N LEU A 283 4.28 16.94 3.62
CA LEU A 283 3.28 17.16 4.60
C LEU A 283 2.87 18.68 4.68
N VAL A 284 3.83 19.59 4.61
CA VAL A 284 3.52 21.02 4.64
C VAL A 284 2.92 21.47 3.34
N LYS A 285 3.24 20.78 2.24
CA LYS A 285 2.60 21.08 0.97
C LYS A 285 1.25 20.41 0.80
N ASN A 286 0.90 19.46 1.64
CA ASN A 286 -0.36 18.74 1.59
C ASN A 286 -0.97 18.71 2.99
N PRO A 287 -1.54 19.84 3.45
CA PRO A 287 -2.03 19.90 4.83
C PRO A 287 -3.03 18.83 5.16
N HIS A 288 -3.87 18.39 4.21
CA HIS A 288 -4.77 17.28 4.48
C HIS A 288 -3.99 16.08 4.96
N VAL A 289 -2.92 15.77 4.26
CA VAL A 289 -2.07 14.66 4.65
C VAL A 289 -1.51 14.92 6.03
N LEU A 290 -1.10 16.16 6.27
CA LEU A 290 -0.53 16.55 7.55
C LEU A 290 -1.52 16.33 8.65
N GLN A 291 -2.74 16.83 8.49
CA GLN A 291 -3.77 16.65 9.48
C GLN A 291 -3.94 15.18 9.76
N LYS A 292 -4.02 14.41 8.69
CA LYS A 292 -4.24 12.98 8.86
C LYS A 292 -3.07 12.34 9.59
N ALA A 293 -1.85 12.69 9.23
CA ALA A 293 -0.68 12.14 9.91
C ALA A 293 -0.60 12.62 11.36
N ALA A 294 -0.92 13.89 11.59
CA ALA A 294 -0.80 14.45 12.93
C ALA A 294 -1.85 13.86 13.87
N GLU A 295 -3.05 13.62 13.34
CA GLU A 295 -4.08 13.01 14.15
C GLU A 295 -3.71 11.59 14.52
N GLU A 296 -3.04 10.86 13.61
CA GLU A 296 -2.52 9.55 13.97
C GLU A 296 -1.46 9.67 15.05
N ALA A 297 -0.49 10.57 14.84
CA ALA A 297 0.55 10.79 15.82
C ALA A 297 -0.04 11.15 17.18
N ALA A 298 -1.06 12.01 17.18
CA ALA A 298 -1.70 12.38 18.43
C ALA A 298 -2.44 11.21 19.05
N ARG A 299 -3.07 10.39 18.22
CA ARG A 299 -3.80 9.26 18.78
C ARG A 299 -2.85 8.20 19.33
N VAL A 300 -1.77 7.92 18.62
CA VAL A 300 -0.92 6.80 18.96
C VAL A 300 0.11 7.18 20.01
N LEU A 301 0.79 8.29 19.80
CA LEU A 301 1.85 8.72 20.72
C LEU A 301 1.19 9.39 21.93
N VAL A 302 0.55 8.57 22.74
CA VAL A 302 -0.17 9.06 23.91
C VAL A 302 0.72 9.23 25.14
N ASP A 303 1.96 8.77 25.08
CA ASP A 303 2.87 8.86 26.22
C ASP A 303 3.92 9.94 26.01
N PRO A 304 4.54 10.42 27.08
CA PRO A 304 5.54 11.50 26.91
C PRO A 304 6.59 11.19 25.85
N VAL A 305 7.07 9.97 25.80
CA VAL A 305 8.07 9.54 24.84
C VAL A 305 7.51 8.33 24.11
N PRO A 306 7.64 8.26 22.78
CA PRO A 306 7.05 7.13 22.05
C PRO A 306 7.67 5.81 22.45
N SER A 307 6.82 4.79 22.55
CA SER A 307 7.28 3.41 22.70
C SER A 307 7.51 2.78 21.33
N TYR A 308 8.30 1.71 21.34
CA TYR A 308 8.51 0.98 20.10
C TYR A 308 7.18 0.57 19.50
N LYS A 309 6.26 0.07 20.32
CA LYS A 309 4.99 -0.44 19.80
C LYS A 309 4.14 0.69 19.24
N GLN A 310 4.17 1.86 19.88
CA GLN A 310 3.41 2.99 19.37
C GLN A 310 3.93 3.45 18.00
N VAL A 311 5.25 3.46 17.82
CA VAL A 311 5.78 3.83 16.50
C VAL A 311 5.30 2.87 15.45
N LYS A 312 5.24 1.58 15.79
CA LYS A 312 4.74 0.60 14.85
C LYS A 312 3.31 0.92 14.45
N GLN A 313 2.51 1.50 15.35
CA GLN A 313 1.12 1.82 15.06
C GLN A 313 0.97 3.09 14.25
N LEU A 314 2.06 3.76 13.96
CA LEU A 314 2.01 4.94 13.11
C LEU A 314 1.98 4.55 11.63
N LYS A 315 0.89 3.87 11.28
CA LYS A 315 0.77 3.33 9.94
C LYS A 315 0.75 4.44 8.91
N TYR A 316 -0.08 5.46 9.10
CA TYR A 316 -0.19 6.53 8.12
C TYR A 316 1.11 7.32 8.02
N VAL A 317 1.78 7.55 9.14
CA VAL A 317 3.10 8.14 9.09
C VAL A 317 4.03 7.28 8.25
N GLY A 318 3.98 5.96 8.43
CA GLY A 318 4.73 5.10 7.51
C GLY A 318 4.30 5.26 6.07
N MET A 319 3.00 5.38 5.85
CA MET A 319 2.52 5.61 4.49
C MET A 319 3.09 6.91 3.96
N VAL A 320 3.06 7.98 4.76
CA VAL A 320 3.65 9.25 4.36
C VAL A 320 5.11 9.08 3.99
N LEU A 321 5.82 8.31 4.82
CA LEU A 321 7.23 8.10 4.50
C LEU A 321 7.40 7.33 3.18
N ASN A 322 6.57 6.31 2.97
CA ASN A 322 6.65 5.54 1.73
C ASN A 322 6.32 6.44 0.54
N GLU A 323 5.34 7.33 0.69
CA GLU A 323 4.98 8.19 -0.43
C GLU A 323 6.05 9.24 -0.67
N ALA A 324 6.71 9.69 0.40
CA ALA A 324 7.86 10.54 0.15
C ALA A 324 8.96 9.73 -0.53
N LEU A 325 9.21 8.50 -0.05
CA LEU A 325 10.19 7.64 -0.70
C LEU A 325 9.84 7.38 -2.15
N ARG A 326 8.55 7.36 -2.47
CA ARG A 326 8.14 7.11 -3.84
C ARG A 326 8.58 8.27 -4.71
N LEU A 327 8.16 9.49 -4.34
CA LEU A 327 8.41 10.65 -5.19
C LEU A 327 9.88 10.98 -5.21
N TRP A 328 10.56 10.85 -4.08
CA TRP A 328 11.98 11.22 -4.00
C TRP A 328 12.75 10.19 -3.19
N PRO A 329 12.96 8.99 -3.74
CA PRO A 329 13.87 8.03 -3.10
C PRO A 329 15.22 8.69 -2.91
N THR A 330 15.60 8.87 -1.66
CA THR A 330 16.80 9.64 -1.34
C THR A 330 18.09 8.92 -1.73
N ALA A 331 18.06 7.59 -1.90
CA ALA A 331 19.12 6.82 -2.55
C ALA A 331 18.60 6.51 -3.94
N PRO A 332 18.57 7.48 -4.86
CA PRO A 332 17.64 7.38 -6.00
C PRO A 332 18.06 6.37 -7.06
N ALA A 333 19.21 5.71 -6.91
CA ALA A 333 19.59 4.75 -7.93
C ALA A 333 20.41 3.63 -7.32
N PHE A 334 20.33 2.47 -7.94
CA PHE A 334 21.24 1.39 -7.63
C PHE A 334 21.60 0.73 -8.94
N SER A 335 22.82 0.20 -8.99
CA SER A 335 23.37 -0.33 -10.22
C SER A 335 23.34 -1.85 -10.18
N LEU A 336 23.10 -2.45 -11.34
CA LEU A 336 23.11 -3.90 -11.50
C LEU A 336 23.96 -4.24 -12.71
N TYR A 337 24.40 -5.49 -12.75
CA TYR A 337 25.09 -6.02 -13.89
C TYR A 337 24.53 -7.39 -14.20
N ALA A 338 24.55 -7.75 -15.48
CA ALA A 338 24.05 -9.04 -15.90
C ALA A 338 25.06 -10.11 -15.50
N LYS A 339 24.65 -11.06 -14.66
CA LYS A 339 25.55 -12.16 -14.31
C LYS A 339 25.85 -13.05 -15.52
N GLU A 340 24.93 -13.11 -16.46
CA GLU A 340 25.12 -13.89 -17.67
C GLU A 340 24.44 -13.15 -18.81
N ASP A 341 24.74 -13.58 -20.03
CA ASP A 341 24.04 -13.08 -21.20
C ASP A 341 22.54 -13.24 -21.01
N THR A 342 21.80 -12.16 -21.21
CA THR A 342 20.35 -12.19 -21.05
C THR A 342 19.74 -11.09 -21.90
N VAL A 343 18.42 -11.19 -22.05
CA VAL A 343 17.66 -10.21 -22.80
C VAL A 343 16.71 -9.54 -21.83
N LEU A 344 16.74 -8.21 -21.82
CA LEU A 344 15.93 -7.44 -20.87
C LEU A 344 14.62 -7.06 -21.54
N GLY A 345 13.52 -7.59 -21.01
CA GLY A 345 12.21 -7.28 -21.54
C GLY A 345 11.87 -7.96 -22.84
N GLY A 346 12.69 -8.91 -23.29
CA GLY A 346 12.54 -9.48 -24.60
C GLY A 346 12.85 -8.53 -25.73
N GLU A 347 13.49 -7.40 -25.42
CA GLU A 347 13.71 -6.34 -26.40
C GLU A 347 15.17 -5.92 -26.44
N TYR A 348 15.83 -5.97 -25.29
CA TYR A 348 17.16 -5.40 -25.12
C TYR A 348 18.15 -6.48 -24.73
N PRO A 349 18.86 -7.05 -25.71
CA PRO A 349 19.85 -8.07 -25.38
C PRO A 349 21.01 -7.51 -24.57
N LEU A 350 21.30 -8.17 -23.46
CA LEU A 350 22.39 -7.79 -22.60
C LEU A 350 23.45 -8.87 -22.58
N GLU A 351 24.70 -8.45 -22.65
CA GLU A 351 25.82 -9.35 -22.52
C GLU A 351 26.24 -9.45 -21.05
N LYS A 352 26.83 -10.59 -20.71
CA LYS A 352 27.34 -10.79 -19.37
C LYS A 352 28.19 -9.59 -18.96
N GLY A 353 27.95 -9.09 -17.76
CA GLY A 353 28.66 -7.93 -17.28
C GLY A 353 28.05 -6.60 -17.65
N ASP A 354 27.10 -6.58 -18.58
CA ASP A 354 26.47 -5.31 -18.94
C ASP A 354 25.78 -4.69 -17.73
N GLU A 355 25.95 -3.39 -17.61
CA GLU A 355 25.51 -2.69 -16.41
C GLU A 355 24.13 -2.08 -16.62
N LEU A 356 23.36 -2.07 -15.54
CA LEU A 356 22.08 -1.40 -15.50
C LEU A 356 22.06 -0.41 -14.36
N MET A 357 21.29 0.65 -14.51
CA MET A 357 21.03 1.61 -13.45
C MET A 357 19.53 1.68 -13.28
N VAL A 358 19.07 1.49 -12.05
CA VAL A 358 17.66 1.60 -11.70
C VAL A 358 17.46 3.04 -11.24
N LEU A 359 16.86 3.83 -12.10
CA LEU A 359 16.52 5.21 -11.76
C LEU A 359 15.25 5.17 -10.91
N ILE A 360 15.46 5.10 -9.60
CA ILE A 360 14.33 4.80 -8.72
C ILE A 360 13.25 5.85 -8.81
N PRO A 361 13.54 7.16 -8.76
CA PRO A 361 12.45 8.15 -8.90
C PRO A 361 11.60 7.91 -10.14
N GLN A 362 12.24 7.47 -11.22
CA GLN A 362 11.51 7.29 -12.47
C GLN A 362 10.65 6.05 -12.36
N LEU A 363 11.20 4.97 -11.81
CA LEU A 363 10.39 3.78 -11.53
C LEU A 363 9.14 4.14 -10.74
N HIS A 364 9.31 4.90 -9.70
CA HIS A 364 8.22 5.30 -8.86
C HIS A 364 7.25 6.27 -9.54
N ARG A 365 7.55 6.67 -10.75
CA ARG A 365 6.69 7.53 -11.51
C ARG A 365 6.09 6.76 -12.67
N ASP A 366 6.23 5.47 -12.63
CA ASP A 366 5.70 4.62 -13.67
C ASP A 366 4.18 4.72 -13.70
N LYS A 367 3.67 5.45 -14.66
CA LYS A 367 2.22 5.67 -14.66
C LYS A 367 1.46 4.37 -14.86
N THR A 368 2.08 3.37 -15.48
CA THR A 368 1.37 2.11 -15.67
C THR A 368 1.16 1.41 -14.36
N ILE A 369 1.93 1.73 -13.33
CA ILE A 369 1.81 1.09 -12.03
C ILE A 369 0.97 1.93 -11.08
N TRP A 370 1.24 3.23 -11.02
CA TRP A 370 0.65 4.14 -10.04
C TRP A 370 -0.53 4.94 -10.59
N GLY A 371 -0.73 4.96 -11.91
CA GLY A 371 -1.68 5.84 -12.55
C GLY A 371 -1.03 7.12 -13.02
N ASP A 372 -1.84 8.00 -13.62
CA ASP A 372 -1.27 9.21 -14.22
C ASP A 372 -0.81 10.21 -13.17
N ASP A 373 -1.39 10.19 -11.99
CA ASP A 373 -1.07 11.16 -10.97
C ASP A 373 0.21 10.88 -10.25
N VAL A 374 1.21 10.35 -10.91
CA VAL A 374 2.44 9.95 -10.20
C VAL A 374 3.11 11.08 -9.46
N GLU A 375 2.88 12.32 -9.88
CA GLU A 375 3.55 13.46 -9.30
C GLU A 375 2.85 13.85 -8.04
N GLU A 376 1.60 13.43 -7.92
CA GLU A 376 0.83 13.78 -6.74
C GLU A 376 1.32 13.02 -5.53
N PHE A 377 1.44 13.73 -4.41
CA PHE A 377 1.77 13.11 -3.13
C PHE A 377 0.50 12.64 -2.43
N ARG A 378 0.26 11.34 -2.44
CA ARG A 378 -0.92 10.76 -1.79
C ARG A 378 -0.50 9.53 -1.00
N PRO A 379 -0.22 9.70 0.28
CA PRO A 379 0.18 8.52 1.08
C PRO A 379 -0.81 7.37 1.00
N GLU A 380 -2.06 7.70 0.71
CA GLU A 380 -3.07 6.66 0.60
C GLU A 380 -2.70 5.62 -0.44
N ARG A 381 -1.79 5.95 -1.36
CA ARG A 381 -1.32 4.92 -2.29
C ARG A 381 -0.80 3.71 -1.54
N PHE A 382 -0.31 3.92 -0.32
CA PHE A 382 0.31 2.89 0.49
C PHE A 382 -0.61 2.44 1.61
N GLU A 383 -1.92 2.67 1.49
CA GLU A 383 -2.86 2.19 2.49
C GLU A 383 -2.65 0.70 2.76
N ASN A 384 -2.50 -0.11 1.71
CA ASN A 384 -2.25 -1.54 1.84
C ASN A 384 -1.10 -1.86 0.90
N PRO A 385 0.01 -2.41 1.38
CA PRO A 385 1.14 -2.70 0.48
C PRO A 385 0.86 -3.79 -0.54
N SER A 386 -0.18 -4.59 -0.35
CA SER A 386 -0.50 -5.64 -1.32
C SER A 386 -1.02 -5.06 -2.63
N ALA A 387 -1.45 -3.80 -2.64
CA ALA A 387 -1.85 -3.16 -3.89
C ALA A 387 -0.67 -2.62 -4.67
N ILE A 388 0.55 -2.82 -4.20
CA ILE A 388 1.76 -2.29 -4.84
C ILE A 388 2.43 -3.48 -5.60
N PRO A 389 2.49 -3.41 -6.93
CA PRO A 389 3.02 -4.58 -7.67
C PRO A 389 4.44 -4.92 -7.25
N GLN A 390 4.82 -6.16 -7.55
CA GLN A 390 6.17 -6.64 -7.30
C GLN A 390 7.18 -5.74 -8.00
N HIS A 391 8.09 -5.17 -7.21
CA HIS A 391 9.20 -4.35 -7.69
C HIS A 391 8.76 -2.98 -8.21
N ALA A 392 7.55 -2.54 -7.87
CA ALA A 392 7.15 -1.18 -8.23
C ALA A 392 7.77 -0.11 -7.32
N PHE A 393 8.14 -0.50 -6.11
CA PHE A 393 8.51 0.42 -5.04
C PHE A 393 9.83 -0.07 -4.49
N LYS A 394 10.97 0.55 -4.87
CA LYS A 394 12.29 0.03 -4.51
C LYS A 394 13.19 1.11 -3.90
N PRO A 395 12.67 1.93 -2.98
CA PRO A 395 13.51 2.97 -2.39
C PRO A 395 14.66 2.41 -1.59
N PHE A 396 14.61 1.11 -1.23
CA PHE A 396 15.63 0.43 -0.44
C PHE A 396 16.31 -0.66 -1.25
N GLY A 397 16.31 -0.51 -2.56
CA GLY A 397 17.09 -1.42 -3.34
C GLY A 397 16.37 -2.74 -3.48
N ASN A 398 17.13 -3.76 -3.82
CA ASN A 398 16.55 -5.01 -4.24
C ASN A 398 17.19 -6.21 -3.58
N GLY A 399 16.37 -7.17 -3.19
CA GLY A 399 16.86 -8.49 -2.86
C GLY A 399 17.87 -8.45 -1.73
N GLN A 400 18.89 -9.30 -1.86
CA GLN A 400 19.88 -9.46 -0.80
C GLN A 400 20.78 -8.24 -0.70
N ARG A 401 20.88 -7.45 -1.75
CA ARG A 401 21.64 -6.21 -1.67
C ARG A 401 20.73 -5.03 -1.38
N ALA A 402 19.52 -5.30 -0.91
CA ALA A 402 18.63 -4.23 -0.49
C ALA A 402 19.18 -3.58 0.78
N CYS A 403 18.60 -2.45 1.14
CA CYS A 403 19.05 -1.73 2.29
C CYS A 403 18.86 -2.53 3.58
N ILE A 404 19.98 -2.91 4.18
CA ILE A 404 19.88 -3.64 5.45
C ILE A 404 19.28 -2.74 6.53
N GLY A 405 19.45 -1.44 6.37
CA GLY A 405 18.99 -0.49 7.37
C GLY A 405 17.60 0.08 7.14
N GLN A 406 16.86 -0.56 6.24
CA GLN A 406 15.54 -0.09 5.90
C GLN A 406 14.67 -0.02 7.14
N GLN A 407 14.57 -1.11 7.90
CA GLN A 407 13.77 -1.08 9.13
C GLN A 407 14.26 0.02 10.08
N PHE A 408 15.57 0.13 10.24
CA PHE A 408 16.15 1.20 11.06
C PHE A 408 15.68 2.55 10.57
N ALA A 409 15.88 2.82 9.27
CA ALA A 409 15.51 4.12 8.70
C ALA A 409 14.03 4.41 8.86
N LEU A 410 13.19 3.40 8.64
CA LEU A 410 11.76 3.64 8.72
C LEU A 410 11.31 3.79 10.16
N HIS A 411 11.88 3.01 11.07
CA HIS A 411 11.53 3.19 12.47
C HIS A 411 11.95 4.57 12.96
N GLU A 412 13.19 4.95 12.70
CA GLU A 412 13.61 6.29 13.08
C GLU A 412 12.73 7.38 12.44
N ALA A 413 12.54 7.31 11.12
CA ALA A 413 11.76 8.34 10.44
C ALA A 413 10.32 8.37 10.96
N THR A 414 9.72 7.20 11.16
CA THR A 414 8.37 7.19 11.69
C THR A 414 8.37 7.80 13.10
N LEU A 415 9.34 7.41 13.91
CA LEU A 415 9.44 7.94 15.26
C LEU A 415 9.49 9.46 15.23
N VAL A 416 10.49 10.01 14.55
CA VAL A 416 10.70 11.44 14.68
C VAL A 416 9.56 12.18 14.01
N LEU A 417 9.10 11.68 12.86
CA LEU A 417 7.95 12.29 12.19
C LEU A 417 6.73 12.23 13.08
N GLY A 418 6.47 11.07 13.65
CA GLY A 418 5.37 10.96 14.59
C GLY A 418 5.48 11.99 15.71
N MET A 419 6.64 12.07 16.34
CA MET A 419 6.83 13.06 17.38
C MET A 419 6.71 14.48 16.83
N MET A 420 7.25 14.72 15.66
CA MET A 420 7.14 16.04 15.06
C MET A 420 5.68 16.44 14.93
N LEU A 421 4.88 15.54 14.36
CA LEU A 421 3.48 15.85 14.14
C LEU A 421 2.70 15.92 15.44
N LYS A 422 3.15 15.18 16.44
CA LYS A 422 2.50 15.22 17.75
C LYS A 422 2.72 16.56 18.42
N HIS A 423 3.91 17.13 18.29
CA HIS A 423 4.30 18.26 19.14
C HIS A 423 4.22 19.61 18.45
N PHE A 424 4.06 19.63 17.12
CA PHE A 424 4.11 20.89 16.37
C PHE A 424 3.09 20.93 15.25
N ASP A 425 2.44 22.08 15.11
CA ASP A 425 1.81 22.44 13.85
C ASP A 425 2.86 23.09 12.96
N PHE A 426 2.91 22.70 11.70
CA PHE A 426 3.96 23.16 10.81
C PHE A 426 3.41 24.14 9.79
N GLU A 427 4.20 25.16 9.52
CA GLU A 427 3.87 26.18 8.54
C GLU A 427 4.99 26.27 7.54
N ASP A 428 4.62 26.24 6.25
CA ASP A 428 5.48 26.52 5.10
C ASP A 428 5.50 28.03 4.89
N HIS A 429 6.15 28.71 5.82
CA HIS A 429 6.03 30.17 5.89
C HIS A 429 6.65 30.84 4.69
N THR A 430 7.48 30.15 3.92
CA THR A 430 8.12 30.75 2.77
C THR A 430 7.51 30.32 1.45
N ASN A 431 6.42 29.56 1.47
CA ASN A 431 5.93 28.93 0.26
C ASN A 431 7.10 28.26 -0.45
N TYR A 432 7.81 27.44 0.30
CA TYR A 432 9.10 26.92 -0.11
C TYR A 432 9.04 26.25 -1.47
N GLU A 433 9.95 26.63 -2.34
CA GLU A 433 10.03 26.07 -3.67
C GLU A 433 10.98 24.88 -3.61
N LEU A 434 10.43 23.70 -3.82
CA LEU A 434 11.23 22.48 -3.74
C LEU A 434 12.47 22.61 -4.65
N ASP A 435 13.63 22.63 -4.03
CA ASP A 435 14.92 22.68 -4.69
C ASP A 435 15.71 21.50 -4.13
N ILE A 436 15.92 20.47 -4.96
CA ILE A 436 16.50 19.22 -4.51
C ILE A 436 18.00 19.30 -4.76
N LYS A 437 18.76 19.51 -3.69
CA LYS A 437 20.20 19.41 -3.78
C LYS A 437 20.59 17.95 -3.87
N GLU A 438 21.58 17.68 -4.70
CA GLU A 438 22.03 16.33 -4.99
C GLU A 438 23.48 16.21 -4.58
N THR A 439 23.75 15.31 -3.64
CA THR A 439 25.10 14.83 -3.39
C THR A 439 25.16 13.45 -4.00
N LEU A 440 25.33 12.44 -3.19
CA LEU A 440 25.00 11.10 -3.61
C LEU A 440 23.62 10.71 -3.13
N THR A 441 23.00 11.59 -2.36
CA THR A 441 21.60 11.45 -1.95
C THR A 441 20.80 12.68 -2.36
N LEU A 442 19.50 12.63 -2.11
CA LEU A 442 18.62 13.74 -2.43
C LEU A 442 18.13 14.37 -1.14
N LYS A 443 18.01 15.71 -1.15
CA LYS A 443 17.50 16.45 -0.02
C LYS A 443 16.89 17.74 -0.53
N PRO A 444 15.80 18.21 0.09
CA PRO A 444 15.22 19.50 -0.31
C PRO A 444 16.00 20.68 0.22
N GLU A 445 16.81 21.27 -0.64
CA GLU A 445 17.69 22.36 -0.20
C GLU A 445 16.89 23.57 0.26
N GLY A 446 17.37 24.17 1.34
CA GLY A 446 16.79 25.40 1.84
C GLY A 446 15.36 25.26 2.31
N PHE A 447 14.91 24.01 2.50
CA PHE A 447 13.58 23.77 2.98
C PHE A 447 13.52 24.26 4.42
N VAL A 448 12.68 25.25 4.67
CA VAL A 448 12.53 25.83 5.99
C VAL A 448 11.05 25.83 6.35
N VAL A 449 10.77 25.70 7.64
CA VAL A 449 9.41 25.74 8.13
C VAL A 449 9.41 26.41 9.50
N LYS A 450 8.25 26.89 9.90
CA LYS A 450 8.02 27.30 11.27
C LYS A 450 7.24 26.19 11.95
N ALA A 451 7.68 25.80 13.13
CA ALA A 451 6.97 24.80 13.92
C ALA A 451 6.37 25.46 15.17
N LYS A 452 5.04 25.61 15.19
CA LYS A 452 4.33 26.11 16.35
C LYS A 452 4.06 24.95 17.31
N SER A 453 4.68 25.00 18.48
CA SER A 453 4.51 23.92 19.44
C SER A 453 3.05 23.76 19.79
N LYS A 454 2.60 22.53 19.83
CA LYS A 454 1.30 22.22 20.41
C LYS A 454 1.33 22.25 21.94
N LYS A 455 2.48 22.52 22.54
CA LYS A 455 2.58 22.67 23.99
C LYS A 455 2.17 21.37 24.72
N ILE A 456 2.54 20.24 24.13
CA ILE A 456 2.34 18.93 24.75
C ILE A 456 3.65 18.52 25.39
N PRO A 457 3.72 18.34 26.69
CA PRO A 457 5.02 18.13 27.35
C PRO A 457 5.66 16.82 26.93
N LEU A 458 6.95 16.74 27.20
CA LEU A 458 7.74 15.54 26.96
C LEU A 458 8.16 14.86 28.28
N GLU B 7 -21.72 0.10 31.10
CA GLU B 7 -20.93 1.16 30.47
C GLU B 7 -21.22 1.16 28.98
N MET B 8 -20.98 0.03 28.32
CA MET B 8 -21.18 -0.03 26.89
C MET B 8 -22.67 -0.15 26.61
N PRO B 9 -23.24 0.70 25.78
CA PRO B 9 -24.68 0.55 25.50
C PRO B 9 -25.02 -0.83 24.93
N GLN B 10 -26.26 -1.26 25.14
CA GLN B 10 -26.72 -2.50 24.58
C GLN B 10 -28.17 -2.32 24.17
N PRO B 11 -28.55 -2.79 22.98
CA PRO B 11 -29.96 -2.63 22.58
C PRO B 11 -30.88 -3.56 23.36
N LYS B 12 -32.18 -3.44 23.09
CA LYS B 12 -33.16 -4.22 23.84
C LYS B 12 -32.87 -5.72 23.71
N THR B 13 -33.12 -6.43 24.79
CA THR B 13 -32.83 -7.86 24.87
C THR B 13 -34.14 -8.62 24.96
N PHE B 14 -34.05 -9.91 24.67
CA PHE B 14 -35.19 -10.82 24.64
C PHE B 14 -34.90 -12.00 25.56
N GLY B 15 -34.75 -11.70 26.84
CA GLY B 15 -34.44 -12.77 27.77
C GLY B 15 -33.12 -13.43 27.39
N GLU B 16 -33.10 -14.76 27.48
CA GLU B 16 -31.88 -15.50 27.24
C GLU B 16 -31.56 -15.61 25.75
N LEU B 17 -32.43 -15.08 24.90
CA LEU B 17 -32.08 -14.87 23.51
C LEU B 17 -31.28 -13.58 23.33
N LYS B 18 -31.17 -12.78 24.39
CA LYS B 18 -30.33 -11.59 24.41
C LYS B 18 -30.72 -10.71 23.22
N ASN B 19 -29.78 -10.23 22.42
CA ASN B 19 -30.12 -9.35 21.32
C ASN B 19 -30.47 -10.09 20.05
N LEU B 20 -30.16 -11.37 19.94
CA LEU B 20 -30.30 -12.06 18.67
C LEU B 20 -31.63 -11.83 17.98
N PRO B 21 -32.80 -11.89 18.67
CA PRO B 21 -34.08 -11.68 17.97
C PRO B 21 -34.12 -10.38 17.20
N LEU B 22 -33.29 -9.41 17.59
CA LEU B 22 -33.18 -8.17 16.84
C LEU B 22 -32.76 -8.43 15.41
N LEU B 23 -31.90 -9.41 15.20
CA LEU B 23 -31.47 -9.81 13.87
C LEU B 23 -32.50 -10.69 13.17
N ASN B 24 -33.48 -11.20 13.90
CA ASN B 24 -34.55 -11.96 13.30
C ASN B 24 -35.48 -11.01 12.56
N THR B 25 -34.99 -10.42 11.47
CA THR B 25 -35.70 -9.38 10.74
C THR B 25 -35.21 -9.41 9.29
N ASP B 26 -36.04 -8.89 8.40
CA ASP B 26 -35.68 -8.89 6.97
C ASP B 26 -34.47 -8.04 6.69
N LYS B 27 -34.26 -6.96 7.44
CA LYS B 27 -33.19 -6.01 7.18
C LYS B 27 -32.35 -5.86 8.44
N PRO B 28 -31.53 -6.85 8.76
CA PRO B 28 -30.76 -6.79 10.01
C PRO B 28 -29.74 -5.66 10.06
N VAL B 29 -29.00 -5.44 8.96
CA VAL B 29 -28.03 -4.34 8.94
C VAL B 29 -28.74 -3.01 9.18
N GLN B 30 -29.84 -2.75 8.46
CA GLN B 30 -30.60 -1.52 8.71
C GLN B 30 -31.11 -1.47 10.14
N ALA B 31 -31.50 -2.61 10.70
CA ALA B 31 -31.87 -2.65 12.11
C ALA B 31 -30.68 -2.29 12.99
N LEU B 32 -29.50 -2.83 12.67
CA LEU B 32 -28.31 -2.49 13.43
C LEU B 32 -27.95 -1.03 13.27
N MET B 33 -28.22 -0.46 12.09
CA MET B 33 -27.93 0.94 11.88
C MET B 33 -28.82 1.81 12.75
N LYS B 34 -30.12 1.49 12.81
CA LYS B 34 -31.00 2.27 13.66
C LYS B 34 -30.63 2.09 15.13
N ILE B 35 -30.20 0.88 15.50
CA ILE B 35 -29.68 0.66 16.85
C ILE B 35 -28.47 1.54 17.08
N ALA B 36 -27.53 1.54 16.12
CA ALA B 36 -26.39 2.40 16.24
C ALA B 36 -26.80 3.86 16.38
N ASP B 37 -27.78 4.30 15.59
CA ASP B 37 -28.33 5.65 15.77
C ASP B 37 -28.80 5.86 17.20
N GLU B 38 -29.50 4.88 17.77
CA GLU B 38 -29.97 5.02 19.14
C GLU B 38 -28.81 5.04 20.12
N LEU B 39 -27.95 4.01 20.07
CA LEU B 39 -26.97 3.78 21.11
C LEU B 39 -25.64 4.48 20.84
N GLY B 40 -25.28 4.71 19.59
CA GLY B 40 -24.10 5.48 19.32
C GLY B 40 -22.99 4.64 18.72
N GLU B 41 -21.75 5.11 18.92
CA GLU B 41 -20.59 4.58 18.20
C GLU B 41 -20.31 3.13 18.55
N ILE B 42 -20.83 2.62 19.66
CA ILE B 42 -20.56 1.24 20.04
C ILE B 42 -21.70 0.70 20.88
N PHE B 43 -22.20 -0.47 20.52
CA PHE B 43 -23.18 -1.15 21.36
C PHE B 43 -22.83 -2.62 21.44
N LYS B 44 -22.95 -3.17 22.64
CA LYS B 44 -22.76 -4.59 22.86
C LYS B 44 -23.93 -5.33 22.26
N PHE B 45 -23.64 -6.43 21.58
CA PHE B 45 -24.66 -7.26 20.98
C PHE B 45 -24.42 -8.68 21.46
N GLU B 46 -25.38 -9.23 22.17
CA GLU B 46 -25.25 -10.55 22.74
C GLU B 46 -26.24 -11.51 22.10
N ALA B 47 -25.79 -12.73 21.87
CA ALA B 47 -26.62 -13.85 21.46
C ALA B 47 -26.19 -15.04 22.25
N PRO B 48 -27.03 -16.07 22.40
CA PRO B 48 -26.64 -17.27 23.14
C PRO B 48 -25.27 -17.80 22.73
N GLY B 49 -24.30 -17.79 23.65
CA GLY B 49 -22.95 -18.23 23.35
C GLY B 49 -22.22 -17.36 22.33
N ARG B 50 -22.48 -16.05 22.35
CA ARG B 50 -21.90 -15.12 21.40
C ARG B 50 -22.02 -13.70 21.96
N VAL B 51 -20.94 -12.96 21.85
CA VAL B 51 -20.91 -11.55 22.21
C VAL B 51 -20.07 -10.83 21.17
N THR B 52 -20.59 -9.74 20.63
CA THR B 52 -19.78 -8.88 19.78
C THR B 52 -20.14 -7.44 20.11
N ARG B 53 -19.37 -6.51 19.53
CA ARG B 53 -19.54 -5.08 19.77
C ARG B 53 -19.56 -4.37 18.42
N TYR B 54 -20.67 -3.72 18.11
CA TYR B 54 -20.86 -3.11 16.80
C TYR B 54 -20.30 -1.71 16.84
N LEU B 55 -19.21 -1.52 16.14
CA LEU B 55 -18.63 -0.21 16.03
C LEU B 55 -19.21 0.57 14.85
N SER B 56 -19.49 1.84 15.08
CA SER B 56 -20.14 2.66 14.06
C SER B 56 -19.46 4.01 13.86
N SER B 57 -18.44 4.33 14.63
CA SER B 57 -17.78 5.62 14.52
C SER B 57 -16.35 5.45 14.01
N GLN B 58 -15.92 6.40 13.18
CA GLN B 58 -14.54 6.41 12.72
C GLN B 58 -13.59 6.42 13.91
N ARG B 59 -14.01 7.06 15.00
CA ARG B 59 -13.17 7.15 16.17
C ARG B 59 -12.75 5.77 16.65
N LEU B 60 -13.72 4.84 16.78
CA LEU B 60 -13.38 3.51 17.27
C LEU B 60 -12.92 2.61 16.15
N ILE B 61 -13.47 2.77 14.95
CA ILE B 61 -13.13 1.87 13.85
C ILE B 61 -11.71 2.15 13.37
N LYS B 62 -11.23 3.38 13.47
CA LYS B 62 -9.84 3.63 13.13
C LYS B 62 -8.91 2.82 14.03
N GLU B 63 -9.34 2.57 15.27
CA GLU B 63 -8.55 1.73 16.16
C GLU B 63 -8.76 0.26 15.81
N ALA B 64 -10.01 -0.16 15.62
CA ALA B 64 -10.28 -1.54 15.23
C ALA B 64 -9.52 -1.91 13.98
N CYS B 65 -9.19 -0.95 13.13
CA CYS B 65 -8.47 -1.22 11.90
C CYS B 65 -6.98 -1.30 12.09
N ASP B 66 -6.51 -1.16 13.32
CA ASP B 66 -5.11 -1.42 13.65
C ASP B 66 -4.89 -2.93 13.58
N GLU B 67 -4.14 -3.36 12.58
CA GLU B 67 -3.96 -4.78 12.37
C GLU B 67 -3.08 -5.38 13.46
N SER B 68 -2.16 -4.60 14.02
CA SER B 68 -1.34 -5.11 15.13
C SER B 68 -2.22 -5.45 16.32
N ARG B 69 -3.42 -4.90 16.38
CA ARG B 69 -4.28 -5.10 17.53
C ARG B 69 -5.48 -5.97 17.23
N PHE B 70 -6.02 -5.87 16.01
CA PHE B 70 -7.22 -6.60 15.64
C PHE B 70 -7.02 -7.29 14.31
N ASP B 71 -7.50 -8.52 14.22
CA ASP B 71 -7.42 -9.32 13.01
C ASP B 71 -8.84 -9.57 12.51
N LYS B 72 -8.95 -9.90 11.23
CA LYS B 72 -10.27 -10.26 10.71
C LYS B 72 -10.81 -11.44 11.50
N ASN B 73 -12.05 -11.31 11.91
CA ASN B 73 -12.83 -12.39 12.49
C ASN B 73 -13.85 -12.90 11.48
N LEU B 74 -14.15 -14.19 11.54
CA LEU B 74 -15.27 -14.74 10.79
C LEU B 74 -16.54 -14.61 11.64
N SER B 75 -17.35 -13.59 11.33
CA SER B 75 -18.66 -13.43 11.96
C SER B 75 -19.38 -14.76 11.82
N GLN B 76 -20.42 -14.98 12.61
CA GLN B 76 -21.15 -16.24 12.53
C GLN B 76 -21.69 -16.44 11.13
N ALA B 77 -22.02 -15.35 10.45
CA ALA B 77 -22.45 -15.42 9.07
C ALA B 77 -21.35 -16.00 8.20
N LEU B 78 -20.16 -15.39 8.25
CA LEU B 78 -19.03 -15.88 7.47
C LEU B 78 -18.65 -17.30 7.85
N LYS B 79 -18.81 -17.66 9.12
CA LYS B 79 -18.54 -19.04 9.53
C LYS B 79 -19.48 -20.01 8.85
N PHE B 80 -20.74 -19.63 8.69
CA PHE B 80 -21.67 -20.48 7.96
C PHE B 80 -21.41 -20.44 6.46
N VAL B 81 -20.94 -19.31 5.94
CA VAL B 81 -20.57 -19.26 4.53
C VAL B 81 -19.32 -20.09 4.27
N ARG B 82 -18.41 -20.16 5.24
CA ARG B 82 -17.26 -21.04 5.13
C ARG B 82 -17.67 -22.50 4.84
N ASP B 83 -18.91 -22.88 5.11
CA ASP B 83 -19.32 -24.25 4.81
C ASP B 83 -19.29 -24.54 3.31
N PHE B 84 -19.39 -23.53 2.45
CA PHE B 84 -19.19 -23.73 1.02
C PHE B 84 -18.08 -22.85 0.45
N CYS B 85 -17.60 -21.86 1.18
CA CYS B 85 -16.46 -21.07 0.76
C CYS B 85 -15.15 -21.56 1.37
N GLY B 86 -15.21 -22.52 2.28
CA GLY B 86 -14.05 -23.14 2.88
C GLY B 86 -13.02 -22.12 3.31
N ASP B 87 -11.75 -22.52 3.20
CA ASP B 87 -10.67 -21.58 3.41
C ASP B 87 -10.35 -20.78 2.14
N GLY B 88 -11.37 -20.46 1.34
CA GLY B 88 -11.25 -19.38 0.39
C GLY B 88 -10.87 -18.12 1.11
N LEU B 89 -10.32 -17.16 0.35
CA LEU B 89 -9.70 -15.97 0.94
C LEU B 89 -10.62 -15.31 1.95
N ALA B 90 -11.88 -15.09 1.57
CA ALA B 90 -12.78 -14.32 2.41
C ALA B 90 -13.25 -15.08 3.64
N THR B 91 -13.24 -16.41 3.64
CA THR B 91 -13.70 -17.14 4.81
C THR B 91 -12.56 -17.85 5.53
N SER B 92 -11.32 -17.51 5.20
CA SER B 92 -10.15 -18.05 5.86
C SER B 92 -9.79 -17.12 7.02
N TRP B 93 -9.27 -17.71 8.09
CA TRP B 93 -8.63 -16.93 9.15
C TRP B 93 -7.25 -16.50 8.70
N THR B 94 -6.85 -15.30 9.10
CA THR B 94 -5.55 -14.78 8.70
C THR B 94 -4.44 -15.76 8.97
N HIS B 95 -4.58 -16.59 10.00
CA HIS B 95 -3.52 -17.50 10.39
C HIS B 95 -3.59 -18.84 9.65
N GLU B 96 -4.63 -19.06 8.85
CA GLU B 96 -4.68 -20.28 8.07
C GLU B 96 -3.68 -20.18 6.93
N LYS B 97 -2.85 -21.21 6.78
CA LYS B 97 -1.79 -21.16 5.77
C LYS B 97 -2.37 -20.80 4.41
N ASN B 98 -3.59 -21.26 4.11
CA ASN B 98 -4.16 -21.06 2.79
C ASN B 98 -4.57 -19.63 2.52
N TRP B 99 -4.87 -18.84 3.55
CA TRP B 99 -5.20 -17.43 3.33
C TRP B 99 -4.03 -16.70 2.70
N LYS B 100 -2.89 -16.65 3.41
CA LYS B 100 -1.72 -15.92 2.94
C LYS B 100 -1.18 -16.50 1.62
N LYS B 101 -1.20 -17.82 1.49
CA LYS B 101 -0.84 -18.45 0.22
C LYS B 101 -1.74 -17.92 -0.89
N ALA B 102 -3.06 -18.12 -0.74
CA ALA B 102 -3.99 -17.66 -1.77
C ALA B 102 -3.93 -16.17 -1.91
N HIS B 103 -3.68 -15.46 -0.81
CA HIS B 103 -3.56 -14.02 -0.87
C HIS B 103 -2.36 -13.61 -1.71
N ASN B 104 -1.21 -14.21 -1.43
CA ASN B 104 -0.02 -13.89 -2.22
C ASN B 104 -0.18 -14.30 -3.68
N ILE B 105 -0.65 -15.50 -3.93
CA ILE B 105 -0.82 -15.96 -5.29
C ILE B 105 -1.86 -15.13 -6.09
N LEU B 106 -2.84 -14.56 -5.44
CA LEU B 106 -3.92 -13.88 -6.20
C LEU B 106 -3.81 -12.40 -6.33
N LEU B 107 -3.03 -11.79 -5.46
CA LEU B 107 -2.88 -10.34 -5.49
C LEU B 107 -2.47 -9.84 -6.85
N PRO B 108 -1.52 -10.53 -7.48
CA PRO B 108 -1.16 -10.09 -8.85
C PRO B 108 -2.31 -10.20 -9.82
N SER B 109 -3.24 -11.12 -9.59
CA SER B 109 -4.40 -11.31 -10.45
C SER B 109 -5.46 -10.26 -10.23
N PHE B 110 -5.25 -9.36 -9.28
CA PHE B 110 -6.23 -8.36 -8.95
C PHE B 110 -5.64 -6.97 -8.91
N SER B 111 -4.41 -6.79 -9.40
CA SER B 111 -3.76 -5.48 -9.44
C SER B 111 -4.40 -4.60 -10.51
N GLN B 112 -3.95 -3.35 -10.59
CA GLN B 112 -4.33 -2.42 -11.66
C GLN B 112 -3.66 -2.96 -12.92
N GLN B 113 -2.45 -3.55 -12.88
CA GLN B 113 -1.85 -4.16 -14.10
C GLN B 113 -2.84 -5.21 -14.59
N ALA B 114 -3.36 -6.07 -13.71
CA ALA B 114 -4.31 -7.17 -13.98
C ALA B 114 -5.59 -6.66 -14.67
N MET B 115 -6.16 -5.54 -14.26
CA MET B 115 -7.42 -5.06 -14.81
C MET B 115 -7.28 -4.80 -16.31
N LYS B 116 -6.14 -4.28 -16.75
CA LYS B 116 -5.92 -4.13 -18.20
C LYS B 116 -6.24 -5.43 -18.92
N GLY B 117 -5.89 -6.57 -18.30
CA GLY B 117 -6.12 -7.87 -18.92
C GLY B 117 -7.59 -8.26 -18.86
N TYR B 118 -8.26 -7.93 -17.78
CA TYR B 118 -9.67 -8.23 -17.66
C TYR B 118 -10.56 -7.26 -18.43
N HIS B 119 -10.01 -6.11 -18.82
CA HIS B 119 -10.83 -5.04 -19.35
C HIS B 119 -11.68 -5.53 -20.52
N ALA B 120 -11.08 -6.28 -21.45
CA ALA B 120 -11.83 -6.71 -22.62
C ALA B 120 -13.04 -7.56 -22.23
N MET B 121 -12.83 -8.52 -21.33
CA MET B 121 -13.94 -9.37 -20.91
C MET B 121 -14.99 -8.57 -20.16
N MET B 122 -14.56 -7.64 -19.29
CA MET B 122 -15.52 -6.75 -18.65
C MET B 122 -16.30 -5.98 -19.71
N VAL B 123 -15.58 -5.46 -20.71
CA VAL B 123 -16.23 -4.70 -21.77
C VAL B 123 -17.22 -5.58 -22.51
N ASP B 124 -16.79 -6.79 -22.86
CA ASP B 124 -17.68 -7.75 -23.49
C ASP B 124 -19.00 -7.81 -22.76
N ILE B 125 -18.94 -7.94 -21.43
CA ILE B 125 -20.17 -8.03 -20.66
C ILE B 125 -20.87 -6.69 -20.62
N ALA B 126 -20.10 -5.61 -20.45
CA ALA B 126 -20.70 -4.29 -20.36
C ALA B 126 -21.47 -3.95 -21.62
N VAL B 127 -20.92 -4.29 -22.78
CA VAL B 127 -21.61 -4.01 -24.02
C VAL B 127 -22.91 -4.80 -24.07
N GLN B 128 -22.91 -6.03 -23.55
CA GLN B 128 -24.14 -6.81 -23.52
C GLN B 128 -25.21 -6.05 -22.71
N LEU B 129 -24.83 -5.52 -21.53
CA LEU B 129 -25.77 -4.71 -20.77
C LEU B 129 -26.25 -3.53 -21.61
N VAL B 130 -25.31 -2.79 -22.20
CA VAL B 130 -25.68 -1.65 -23.02
C VAL B 130 -26.60 -2.08 -24.14
N GLN B 131 -26.26 -3.16 -24.83
CA GLN B 131 -27.09 -3.59 -25.95
C GLN B 131 -28.47 -4.04 -25.47
N LYS B 132 -28.53 -4.72 -24.34
CA LYS B 132 -29.84 -5.09 -23.79
C LYS B 132 -30.70 -3.84 -23.61
N TRP B 133 -30.12 -2.80 -23.05
CA TRP B 133 -30.88 -1.59 -22.82
C TRP B 133 -31.15 -0.85 -24.11
N GLU B 134 -30.23 -0.83 -25.01
CA GLU B 134 -30.46 -0.22 -26.26
C GLU B 134 -31.62 -0.90 -27.00
N ARG B 135 -31.81 -2.16 -26.72
CA ARG B 135 -32.80 -2.92 -27.42
C ARG B 135 -34.16 -2.90 -26.77
N LEU B 136 -34.25 -2.31 -25.61
CA LEU B 136 -35.52 -2.16 -24.96
C LEU B 136 -36.44 -1.29 -25.80
N ASN B 137 -37.71 -1.61 -25.73
CA ASN B 137 -38.68 -0.88 -26.47
C ASN B 137 -39.15 0.33 -25.70
N ALA B 138 -39.82 1.23 -26.38
CA ALA B 138 -40.29 2.45 -25.73
C ALA B 138 -41.19 2.08 -24.54
N ASP B 139 -41.01 2.84 -23.45
CA ASP B 139 -41.82 2.69 -22.25
C ASP B 139 -41.43 1.45 -21.45
N GLU B 140 -40.61 0.58 -22.03
CA GLU B 140 -40.03 -0.50 -21.24
C GLU B 140 -38.99 0.03 -20.25
N HIS B 141 -38.88 -0.65 -19.11
CA HIS B 141 -38.01 -0.20 -18.04
C HIS B 141 -36.96 -1.25 -17.74
N ILE B 142 -36.01 -0.86 -16.90
CA ILE B 142 -34.91 -1.71 -16.50
C ILE B 142 -35.11 -2.10 -15.05
N GLU B 143 -34.99 -3.41 -14.78
CA GLU B 143 -34.87 -3.95 -13.43
C GLU B 143 -33.39 -3.86 -13.06
N VAL B 144 -33.03 -2.80 -12.38
CA VAL B 144 -31.62 -2.45 -12.25
C VAL B 144 -30.83 -3.53 -11.52
N PRO B 145 -31.16 -3.85 -10.26
CA PRO B 145 -30.35 -4.87 -9.55
C PRO B 145 -30.23 -6.18 -10.32
N GLU B 146 -31.34 -6.64 -10.89
CA GLU B 146 -31.30 -7.83 -11.73
C GLU B 146 -30.28 -7.67 -12.84
N ASP B 147 -30.36 -6.57 -13.58
CA ASP B 147 -29.42 -6.38 -14.69
C ASP B 147 -28.00 -6.19 -14.19
N MET B 148 -27.82 -5.44 -13.10
CA MET B 148 -26.49 -5.29 -12.55
C MET B 148 -25.93 -6.64 -12.11
N THR B 149 -26.77 -7.50 -11.53
CA THR B 149 -26.31 -8.83 -11.15
C THR B 149 -26.00 -9.67 -12.38
N ARG B 150 -26.81 -9.58 -13.43
CA ARG B 150 -26.45 -10.22 -14.69
C ARG B 150 -25.07 -9.79 -15.12
N LEU B 151 -24.80 -8.49 -15.08
CA LEU B 151 -23.50 -7.97 -15.51
C LEU B 151 -22.37 -8.44 -14.62
N THR B 152 -22.52 -8.30 -13.32
CA THR B 152 -21.42 -8.60 -12.41
C THR B 152 -21.16 -10.09 -12.37
N LEU B 153 -22.21 -10.90 -12.37
CA LEU B 153 -21.98 -12.33 -12.42
C LEU B 153 -21.26 -12.74 -13.69
N ASP B 154 -21.66 -12.20 -14.85
CA ASP B 154 -21.01 -12.59 -16.08
C ASP B 154 -19.60 -12.06 -16.14
N THR B 155 -19.37 -10.89 -15.54
CA THR B 155 -18.03 -10.32 -15.55
C THR B 155 -17.07 -11.22 -14.78
N ILE B 156 -17.48 -11.65 -13.59
CA ILE B 156 -16.61 -12.46 -12.76
C ILE B 156 -16.46 -13.85 -13.34
N GLY B 157 -17.55 -14.40 -13.87
CA GLY B 157 -17.45 -15.68 -14.56
C GLY B 157 -16.47 -15.61 -15.70
N LEU B 158 -16.60 -14.61 -16.56
CA LEU B 158 -15.73 -14.46 -17.71
C LEU B 158 -14.31 -14.11 -17.28
N CYS B 159 -14.17 -13.14 -16.39
CA CYS B 159 -12.86 -12.76 -15.91
C CYS B 159 -12.30 -13.74 -14.88
N GLY B 160 -13.14 -14.48 -14.17
CA GLY B 160 -12.66 -15.46 -13.21
C GLY B 160 -12.11 -16.71 -13.85
N PHE B 161 -12.92 -17.37 -14.67
CA PHE B 161 -12.48 -18.64 -15.25
C PHE B 161 -13.05 -18.81 -16.65
N ASN B 162 -13.17 -17.72 -17.38
CA ASN B 162 -13.53 -17.76 -18.79
C ASN B 162 -14.83 -18.51 -19.01
N TYR B 163 -15.73 -18.44 -18.04
CA TYR B 163 -17.03 -19.11 -18.12
C TYR B 163 -18.11 -18.07 -18.36
N ARG B 164 -19.00 -18.36 -19.28
CA ARG B 164 -20.08 -17.45 -19.63
C ARG B 164 -21.36 -17.95 -18.97
N PHE B 165 -21.78 -17.25 -17.91
CA PHE B 165 -23.11 -17.48 -17.34
C PHE B 165 -24.20 -17.06 -18.30
N ASN B 166 -23.89 -16.20 -19.27
CA ASN B 166 -24.86 -15.72 -20.25
C ASN B 166 -26.14 -15.22 -19.58
N SER B 167 -25.96 -14.47 -18.48
CA SER B 167 -27.10 -14.03 -17.69
C SER B 167 -28.04 -13.15 -18.49
N PHE B 168 -27.52 -12.45 -19.49
CA PHE B 168 -28.40 -11.62 -20.31
C PHE B 168 -29.22 -12.43 -21.28
N TYR B 169 -29.04 -13.73 -21.35
CA TYR B 169 -29.83 -14.62 -22.18
C TYR B 169 -30.75 -15.44 -21.27
N ARG B 170 -30.94 -15.03 -20.01
CA ARG B 170 -31.67 -15.85 -19.06
C ARG B 170 -32.58 -14.98 -18.21
N ASP B 171 -33.75 -15.54 -17.87
CA ASP B 171 -34.58 -15.06 -16.76
C ASP B 171 -34.30 -15.86 -15.49
N GLN B 172 -34.31 -17.20 -15.57
CA GLN B 172 -33.98 -18.09 -14.48
C GLN B 172 -32.46 -18.13 -14.25
N PRO B 173 -32.02 -18.10 -13.00
CA PRO B 173 -30.57 -18.02 -12.75
C PRO B 173 -29.87 -19.33 -13.04
N HIS B 174 -28.55 -19.21 -13.21
CA HIS B 174 -27.70 -20.36 -13.47
C HIS B 174 -27.88 -21.39 -12.34
N PRO B 175 -27.84 -22.69 -12.65
CA PRO B 175 -27.94 -23.69 -11.57
C PRO B 175 -27.03 -23.39 -10.37
N PHE B 176 -25.78 -23.02 -10.63
CA PHE B 176 -24.85 -22.69 -9.55
C PHE B 176 -25.40 -21.57 -8.67
N ILE B 177 -25.97 -20.53 -9.29
CA ILE B 177 -26.43 -19.37 -8.53
C ILE B 177 -27.64 -19.70 -7.69
N THR B 178 -28.49 -20.64 -8.14
CA THR B 178 -29.60 -21.08 -7.29
C THR B 178 -29.08 -21.76 -6.03
N SER B 179 -28.04 -22.60 -6.16
CA SER B 179 -27.46 -23.22 -4.99
C SER B 179 -26.79 -22.19 -4.10
N MET B 180 -26.05 -21.27 -4.70
CA MET B 180 -25.38 -20.21 -3.93
C MET B 180 -26.40 -19.33 -3.23
N VAL B 181 -27.31 -18.73 -3.99
CA VAL B 181 -28.33 -17.87 -3.39
C VAL B 181 -29.08 -18.61 -2.29
N ARG B 182 -29.40 -19.89 -2.53
CA ARG B 182 -30.11 -20.65 -1.52
C ARG B 182 -29.20 -20.97 -0.33
N ALA B 183 -27.95 -21.33 -0.63
CA ALA B 183 -26.99 -21.58 0.46
C ALA B 183 -26.78 -20.33 1.29
N MET B 184 -26.75 -19.16 0.64
CA MET B 184 -26.55 -17.92 1.37
C MET B 184 -27.72 -17.65 2.34
N ASP B 185 -28.95 -17.78 1.84
CA ASP B 185 -30.09 -17.60 2.72
C ASP B 185 -30.05 -18.59 3.88
N GLU B 186 -29.66 -19.83 3.62
CA GLU B 186 -29.54 -20.82 4.69
C GLU B 186 -28.45 -20.40 5.68
N ALA B 187 -27.29 -19.98 5.17
CA ALA B 187 -26.25 -19.48 6.06
C ALA B 187 -26.78 -18.35 6.92
N MET B 188 -27.45 -17.36 6.29
CA MET B 188 -28.03 -16.26 7.03
C MET B 188 -29.19 -16.73 7.90
N ASN B 189 -30.08 -17.55 7.34
CA ASN B 189 -31.28 -17.96 8.06
C ASN B 189 -30.94 -18.64 9.37
N LYS B 190 -29.90 -19.47 9.39
CA LYS B 190 -29.61 -20.26 10.57
C LYS B 190 -28.80 -19.49 11.62
N LEU B 191 -28.59 -18.19 11.44
CA LEU B 191 -28.08 -17.37 12.55
C LEU B 191 -29.11 -17.28 13.67
N GLN B 192 -30.40 -17.38 13.36
CA GLN B 192 -31.47 -17.26 14.35
C GLN B 192 -31.85 -18.60 14.96
N ARG B 193 -31.09 -19.66 14.68
CA ARG B 193 -31.44 -21.01 15.11
C ARG B 193 -30.79 -21.34 16.46
N ALA B 194 -31.63 -21.51 17.47
CA ALA B 194 -31.16 -21.88 18.80
C ALA B 194 -30.76 -23.35 18.85
N ASN B 195 -31.59 -24.22 18.29
CA ASN B 195 -31.34 -25.66 18.28
C ASN B 195 -31.03 -26.11 16.86
N PRO B 196 -29.77 -26.04 16.42
CA PRO B 196 -29.48 -26.36 15.00
C PRO B 196 -29.84 -27.78 14.62
N ASP B 197 -29.68 -28.73 15.54
CA ASP B 197 -29.96 -30.13 15.25
C ASP B 197 -31.44 -30.49 15.32
N ASP B 198 -32.33 -29.52 15.46
CA ASP B 198 -33.75 -29.83 15.49
C ASP B 198 -34.16 -30.48 14.17
N PRO B 199 -34.90 -31.59 14.20
CA PRO B 199 -35.35 -32.22 12.95
C PRO B 199 -36.04 -31.25 11.99
N ALA B 200 -36.69 -30.21 12.51
CA ALA B 200 -37.35 -29.24 11.64
C ALA B 200 -36.40 -28.65 10.61
N TYR B 201 -35.09 -28.68 10.87
CA TYR B 201 -34.10 -28.16 9.95
C TYR B 201 -33.44 -29.27 9.13
N ASP B 202 -33.96 -30.50 9.19
CA ASP B 202 -33.40 -31.57 8.37
C ASP B 202 -33.43 -31.21 6.89
N GLU B 203 -34.55 -30.71 6.40
CA GLU B 203 -34.67 -30.39 4.99
C GLU B 203 -33.81 -29.17 4.62
N ASN B 204 -33.76 -28.18 5.52
CA ASN B 204 -32.88 -27.05 5.26
C ASN B 204 -31.42 -27.50 5.16
N LYS B 205 -30.99 -28.39 6.06
CA LYS B 205 -29.61 -28.87 6.00
C LYS B 205 -29.38 -29.76 4.78
N ARG B 206 -30.31 -30.68 4.50
CA ARG B 206 -30.21 -31.50 3.29
C ARG B 206 -30.19 -30.61 2.06
N GLN B 207 -31.09 -29.62 2.02
CA GLN B 207 -31.07 -28.67 0.93
C GLN B 207 -29.73 -27.94 0.87
N PHE B 208 -29.17 -27.63 2.03
CA PHE B 208 -27.89 -26.93 2.09
C PHE B 208 -26.77 -27.80 1.53
N GLN B 209 -26.67 -29.05 1.98
CA GLN B 209 -25.63 -29.94 1.50
C GLN B 209 -25.77 -30.19 0.01
N GLU B 210 -27.01 -30.29 -0.49
CA GLU B 210 -27.22 -30.46 -1.92
C GLU B 210 -26.65 -29.28 -2.68
N ASP B 211 -26.88 -28.05 -2.18
CA ASP B 211 -26.38 -26.86 -2.84
C ASP B 211 -24.86 -26.78 -2.77
N ILE B 212 -24.28 -27.13 -1.62
CA ILE B 212 -22.82 -27.24 -1.52
C ILE B 212 -22.32 -28.22 -2.56
N LYS B 213 -22.75 -29.48 -2.47
CA LYS B 213 -22.34 -30.50 -3.43
C LYS B 213 -22.59 -30.05 -4.86
N VAL B 214 -23.58 -29.18 -5.07
CA VAL B 214 -23.84 -28.63 -6.41
C VAL B 214 -22.74 -27.64 -6.80
N MET B 215 -22.59 -26.58 -6.02
CA MET B 215 -21.58 -25.58 -6.34
C MET B 215 -20.23 -26.23 -6.54
N ASN B 216 -19.85 -27.16 -5.66
CA ASN B 216 -18.53 -27.79 -5.74
C ASN B 216 -18.39 -28.56 -7.05
N ASP B 217 -19.30 -29.50 -7.30
CA ASP B 217 -19.24 -30.30 -8.52
C ASP B 217 -19.18 -29.40 -9.76
N LEU B 218 -19.99 -28.33 -9.77
CA LEU B 218 -20.00 -27.43 -10.91
C LEU B 218 -18.66 -26.70 -11.05
N VAL B 219 -18.11 -26.22 -9.93
CA VAL B 219 -16.83 -25.51 -10.01
C VAL B 219 -15.71 -26.49 -10.26
N ASP B 220 -15.79 -27.68 -9.63
CA ASP B 220 -14.71 -28.66 -9.78
C ASP B 220 -14.58 -29.07 -11.23
N LYS B 221 -15.72 -29.24 -11.93
CA LYS B 221 -15.66 -29.53 -13.36
C LYS B 221 -14.98 -28.37 -14.09
N ILE B 222 -15.31 -27.14 -13.74
CA ILE B 222 -14.67 -25.99 -14.36
C ILE B 222 -13.16 -26.07 -14.17
N ILE B 223 -12.70 -26.51 -13.01
CA ILE B 223 -11.27 -26.67 -12.80
C ILE B 223 -10.75 -27.86 -13.60
N ALA B 224 -11.48 -28.98 -13.56
CA ALA B 224 -11.11 -30.12 -14.35
C ALA B 224 -11.12 -29.78 -15.83
N ASP B 225 -12.10 -29.00 -16.27
CA ASP B 225 -12.13 -28.60 -17.66
C ASP B 225 -10.84 -27.88 -18.03
N ARG B 226 -10.48 -26.84 -17.25
CA ARG B 226 -9.32 -26.03 -17.60
C ARG B 226 -8.05 -26.87 -17.63
N LYS B 227 -7.81 -27.63 -16.56
CA LYS B 227 -6.58 -28.40 -16.46
C LYS B 227 -6.49 -29.42 -17.60
N ALA B 228 -7.62 -29.95 -18.05
CA ALA B 228 -7.61 -30.89 -19.17
C ALA B 228 -7.31 -30.17 -20.48
N SER B 229 -7.98 -29.03 -20.71
CA SER B 229 -7.76 -28.26 -21.93
C SER B 229 -6.37 -27.65 -22.00
N GLY B 230 -5.71 -27.45 -20.87
CA GLY B 230 -4.37 -26.88 -20.88
C GLY B 230 -4.27 -25.50 -21.48
N GLU B 231 -5.40 -24.80 -21.61
CA GLU B 231 -5.45 -23.49 -22.24
C GLU B 231 -5.00 -22.42 -21.25
N GLN B 232 -4.53 -21.31 -21.81
CA GLN B 232 -4.02 -20.20 -21.01
C GLN B 232 -4.83 -18.96 -21.41
N SER B 233 -5.98 -18.77 -20.76
CA SER B 233 -6.87 -17.60 -20.95
C SER B 233 -6.43 -16.42 -20.07
N ASP B 234 -5.46 -16.61 -19.19
CA ASP B 234 -4.89 -15.57 -18.35
C ASP B 234 -6.02 -14.84 -17.60
N ASP B 235 -6.75 -15.66 -16.87
CA ASP B 235 -7.84 -15.25 -15.96
C ASP B 235 -7.48 -15.72 -14.54
N LEU B 236 -8.34 -15.45 -13.55
CA LEU B 236 -8.01 -15.87 -12.20
C LEU B 236 -7.66 -17.34 -12.16
N LEU B 237 -8.44 -18.19 -12.82
CA LEU B 237 -8.25 -19.64 -12.69
C LEU B 237 -6.86 -20.05 -13.16
N THR B 238 -6.41 -19.46 -14.28
CA THR B 238 -5.06 -19.71 -14.78
C THR B 238 -4.04 -19.34 -13.71
N HIS B 239 -4.15 -18.14 -13.16
CA HIS B 239 -3.21 -17.68 -12.14
C HIS B 239 -3.23 -18.60 -10.93
N MET B 240 -4.38 -19.14 -10.61
CA MET B 240 -4.50 -20.05 -9.51
C MET B 240 -3.98 -21.44 -9.82
N LEU B 241 -4.13 -21.88 -11.05
CA LEU B 241 -3.54 -23.15 -11.42
C LEU B 241 -2.03 -23.03 -11.57
N ASN B 242 -1.56 -21.88 -12.03
CA ASN B 242 -0.14 -21.69 -12.33
C ASN B 242 0.58 -20.86 -11.30
N GLY B 243 -0.16 -20.18 -10.43
CA GLY B 243 0.47 -19.32 -9.44
C GLY B 243 1.16 -20.14 -8.36
N LYS B 244 2.31 -19.65 -7.92
CA LYS B 244 3.07 -20.24 -6.83
C LYS B 244 3.22 -19.18 -5.74
N ASP B 245 2.86 -19.54 -4.51
CA ASP B 245 2.98 -18.61 -3.39
C ASP B 245 4.44 -18.23 -3.20
N PRO B 246 4.81 -16.96 -3.42
CA PRO B 246 6.22 -16.57 -3.26
C PRO B 246 6.80 -16.96 -1.91
N GLU B 247 5.99 -16.91 -0.86
CA GLU B 247 6.47 -17.26 0.47
C GLU B 247 6.75 -18.76 0.60
N THR B 248 5.68 -19.56 0.65
CA THR B 248 5.82 -21.00 0.80
C THR B 248 6.33 -21.66 -0.47
N GLY B 249 6.19 -20.99 -1.61
CA GLY B 249 6.51 -21.57 -2.90
C GLY B 249 5.49 -22.54 -3.43
N GLU B 250 4.42 -22.80 -2.70
CA GLU B 250 3.42 -23.81 -3.02
C GLU B 250 2.30 -23.21 -3.86
N PRO B 251 1.74 -23.99 -4.77
CA PRO B 251 0.53 -23.57 -5.47
C PRO B 251 -0.70 -23.88 -4.64
N LEU B 252 -1.83 -23.33 -5.08
CA LEU B 252 -3.11 -23.65 -4.46
C LEU B 252 -3.53 -25.04 -4.94
N ASP B 253 -3.90 -25.91 -4.00
CA ASP B 253 -4.42 -27.22 -4.39
C ASP B 253 -5.86 -27.09 -4.91
N ASP B 254 -6.33 -28.16 -5.54
CA ASP B 254 -7.62 -28.09 -6.22
C ASP B 254 -8.73 -27.71 -5.25
N GLU B 255 -8.71 -28.28 -4.04
CA GLU B 255 -9.77 -27.99 -3.09
C GLU B 255 -9.87 -26.49 -2.83
N ASN B 256 -8.73 -25.83 -2.68
CA ASN B 256 -8.74 -24.42 -2.34
C ASN B 256 -9.17 -23.59 -3.53
N ILE B 257 -8.63 -23.90 -4.71
CA ILE B 257 -9.01 -23.16 -5.91
C ILE B 257 -10.53 -23.14 -6.04
N ARG B 258 -11.15 -24.31 -5.89
CA ARG B 258 -12.61 -24.39 -5.91
C ARG B 258 -13.22 -23.43 -4.90
N TYR B 259 -12.71 -23.43 -3.67
CA TYR B 259 -13.19 -22.47 -2.69
C TYR B 259 -12.97 -21.04 -3.19
N GLN B 260 -11.84 -20.78 -3.84
CA GLN B 260 -11.62 -19.43 -4.35
C GLN B 260 -12.64 -19.09 -5.41
N ILE B 261 -12.92 -20.02 -6.33
CA ILE B 261 -13.87 -19.71 -7.38
C ILE B 261 -15.25 -19.44 -6.81
N ILE B 262 -15.74 -20.35 -5.97
CA ILE B 262 -16.99 -20.11 -5.28
C ILE B 262 -16.97 -18.75 -4.62
N THR B 263 -15.92 -18.42 -3.91
CA THR B 263 -15.83 -17.13 -3.22
C THR B 263 -15.85 -15.92 -4.19
N PHE B 264 -15.06 -16.00 -5.24
CA PHE B 264 -15.08 -14.95 -6.23
C PHE B 264 -16.46 -14.83 -6.90
N LEU B 265 -17.05 -15.97 -7.28
CA LEU B 265 -18.38 -15.97 -7.86
C LEU B 265 -19.43 -15.34 -6.92
N ILE B 266 -19.31 -15.58 -5.63
CA ILE B 266 -20.21 -14.94 -4.73
C ILE B 266 -19.87 -13.45 -4.70
N ALA B 267 -18.61 -13.14 -4.45
CA ALA B 267 -18.22 -11.72 -4.35
C ALA B 267 -18.63 -10.86 -5.60
N GLY B 268 -18.64 -11.44 -6.78
CA GLY B 268 -18.94 -10.64 -7.96
C GLY B 268 -20.37 -10.75 -8.45
N HIS B 269 -21.21 -11.37 -7.68
CA HIS B 269 -22.58 -11.46 -8.04
C HIS B 269 -23.25 -10.24 -7.42
N GLU B 270 -24.09 -10.42 -6.41
CA GLU B 270 -24.87 -9.28 -5.91
C GLU B 270 -24.08 -8.23 -5.09
N VAL B 271 -22.88 -8.55 -4.68
CA VAL B 271 -22.15 -7.57 -3.90
C VAL B 271 -21.69 -6.42 -4.79
N THR B 272 -21.15 -6.74 -5.96
CA THR B 272 -20.74 -5.70 -6.89
C THR B 272 -21.96 -5.12 -7.57
N SER B 273 -22.95 -5.95 -7.89
CA SER B 273 -24.16 -5.43 -8.53
C SER B 273 -24.89 -4.49 -7.60
N GLY B 274 -24.91 -4.80 -6.33
CA GLY B 274 -25.46 -3.85 -5.40
C GLY B 274 -24.83 -2.48 -5.54
N LEU B 275 -23.50 -2.43 -5.65
CA LEU B 275 -22.86 -1.12 -5.80
C LEU B 275 -23.36 -0.40 -7.04
N LEU B 276 -23.34 -1.09 -8.17
CA LEU B 276 -23.86 -0.49 -9.39
C LEU B 276 -25.32 -0.09 -9.23
N SER B 277 -26.12 -0.93 -8.59
CA SER B 277 -27.53 -0.65 -8.42
C SER B 277 -27.74 0.54 -7.50
N PHE B 278 -27.03 0.57 -6.37
CA PHE B 278 -27.09 1.73 -5.49
C PHE B 278 -26.57 2.98 -6.20
N ALA B 279 -25.47 2.85 -6.94
CA ALA B 279 -24.94 3.99 -7.67
C ALA B 279 -26.02 4.60 -8.59
N LEU B 280 -26.60 3.76 -9.44
CA LEU B 280 -27.58 4.27 -10.38
C LEU B 280 -28.74 4.89 -9.65
N TYR B 281 -29.21 4.24 -8.59
CA TYR B 281 -30.25 4.84 -7.77
C TYR B 281 -29.84 6.25 -7.34
N PHE B 282 -28.63 6.40 -6.83
CA PHE B 282 -28.28 7.71 -6.33
C PHE B 282 -28.12 8.70 -7.46
N LEU B 283 -27.65 8.26 -8.62
CA LEU B 283 -27.56 9.15 -9.77
C LEU B 283 -28.95 9.60 -10.21
N VAL B 284 -29.89 8.66 -10.33
CA VAL B 284 -31.20 9.06 -10.80
C VAL B 284 -31.88 9.93 -9.75
N LYS B 285 -31.57 9.73 -8.46
CA LYS B 285 -32.10 10.56 -7.39
C LYS B 285 -31.38 11.90 -7.26
N ASN B 286 -30.23 12.05 -7.91
CA ASN B 286 -29.46 13.29 -7.87
C ASN B 286 -29.06 13.67 -9.30
N PRO B 287 -30.01 14.17 -10.09
CA PRO B 287 -29.70 14.47 -11.49
C PRO B 287 -28.52 15.40 -11.69
N HIS B 288 -28.30 16.37 -10.81
CA HIS B 288 -27.10 17.19 -10.94
C HIS B 288 -25.86 16.32 -10.93
N VAL B 289 -25.76 15.41 -9.97
CA VAL B 289 -24.64 14.46 -9.97
C VAL B 289 -24.63 13.62 -11.26
N LEU B 290 -25.80 13.11 -11.65
CA LEU B 290 -25.90 12.33 -12.88
C LEU B 290 -25.35 13.11 -14.05
N GLN B 291 -25.84 14.35 -14.22
CA GLN B 291 -25.36 15.17 -15.32
C GLN B 291 -23.85 15.28 -15.30
N LYS B 292 -23.28 15.48 -14.10
CA LYS B 292 -21.83 15.60 -13.98
C LYS B 292 -21.14 14.31 -14.38
N ALA B 293 -21.68 13.17 -13.94
CA ALA B 293 -21.08 11.90 -14.28
C ALA B 293 -21.23 11.62 -15.77
N ALA B 294 -22.39 11.95 -16.33
CA ALA B 294 -22.63 11.75 -17.76
C ALA B 294 -21.75 12.67 -18.60
N GLU B 295 -21.55 13.92 -18.18
CA GLU B 295 -20.66 14.81 -18.93
C GLU B 295 -19.23 14.29 -18.91
N GLU B 296 -18.83 13.66 -17.79
CA GLU B 296 -17.52 12.98 -17.75
C GLU B 296 -17.51 11.80 -18.71
N ALA B 297 -18.52 10.94 -18.62
CA ALA B 297 -18.59 9.78 -19.50
C ALA B 297 -18.54 10.19 -20.96
N ALA B 298 -19.30 11.21 -21.34
CA ALA B 298 -19.30 11.64 -22.72
C ALA B 298 -17.96 12.22 -23.11
N ARG B 299 -17.31 12.96 -22.20
CA ARG B 299 -16.00 13.55 -22.51
C ARG B 299 -14.90 12.48 -22.58
N VAL B 300 -14.91 11.52 -21.67
CA VAL B 300 -13.82 10.56 -21.55
C VAL B 300 -14.01 9.40 -22.52
N LEU B 301 -15.21 8.81 -22.55
CA LEU B 301 -15.48 7.64 -23.38
C LEU B 301 -15.73 8.09 -24.83
N VAL B 302 -14.64 8.55 -25.45
CA VAL B 302 -14.72 9.09 -26.80
C VAL B 302 -14.70 8.01 -27.87
N ASP B 303 -14.44 6.77 -27.49
CA ASP B 303 -14.35 5.69 -28.45
C ASP B 303 -15.59 4.82 -28.41
N PRO B 304 -15.86 4.07 -29.48
CA PRO B 304 -17.05 3.19 -29.46
C PRO B 304 -17.09 2.30 -28.23
N VAL B 305 -15.92 1.83 -27.80
CA VAL B 305 -15.80 0.97 -26.63
C VAL B 305 -14.79 1.55 -25.64
N PRO B 306 -15.08 1.58 -24.35
CA PRO B 306 -14.12 2.18 -23.41
C PRO B 306 -12.82 1.38 -23.33
N SER B 307 -11.69 2.08 -23.33
CA SER B 307 -10.41 1.46 -23.05
C SER B 307 -10.17 1.44 -21.55
N TYR B 308 -9.22 0.59 -21.12
CA TYR B 308 -8.82 0.53 -19.73
C TYR B 308 -8.48 1.91 -19.20
N LYS B 309 -7.74 2.71 -20.00
CA LYS B 309 -7.26 4.01 -19.55
C LYS B 309 -8.40 5.01 -19.38
N GLN B 310 -9.38 4.93 -20.27
CA GLN B 310 -10.53 5.81 -20.15
C GLN B 310 -11.32 5.53 -18.88
N VAL B 311 -11.47 4.25 -18.52
CA VAL B 311 -12.15 3.91 -17.29
C VAL B 311 -11.39 4.47 -16.10
N LYS B 312 -10.07 4.39 -16.12
CA LYS B 312 -9.29 4.99 -15.05
C LYS B 312 -9.50 6.50 -15.00
N GLN B 313 -9.71 7.14 -16.14
CA GLN B 313 -9.97 8.57 -16.22
C GLN B 313 -11.41 8.94 -15.91
N LEU B 314 -12.28 7.98 -15.65
CA LEU B 314 -13.63 8.31 -15.22
C LEU B 314 -13.63 8.62 -13.72
N LYS B 315 -12.92 9.68 -13.36
CA LYS B 315 -12.69 9.99 -11.94
C LYS B 315 -14.01 10.24 -11.23
N TYR B 316 -14.86 11.07 -11.80
CA TYR B 316 -16.09 11.41 -11.12
C TYR B 316 -17.00 10.21 -10.99
N VAL B 317 -17.01 9.33 -12.00
CA VAL B 317 -17.76 8.09 -11.90
C VAL B 317 -17.24 7.23 -10.77
N GLY B 318 -15.92 7.18 -10.60
CA GLY B 318 -15.36 6.47 -9.46
C GLY B 318 -15.80 7.08 -8.15
N MET B 319 -15.80 8.41 -8.10
CA MET B 319 -16.30 9.10 -6.92
C MET B 319 -17.76 8.76 -6.67
N VAL B 320 -18.56 8.75 -7.73
CA VAL B 320 -19.94 8.33 -7.61
C VAL B 320 -20.03 6.98 -6.94
N LEU B 321 -19.20 6.05 -7.41
CA LEU B 321 -19.21 4.71 -6.85
C LEU B 321 -18.77 4.71 -5.40
N ASN B 322 -17.72 5.49 -5.10
CA ASN B 322 -17.27 5.61 -3.71
C ASN B 322 -18.38 6.21 -2.85
N GLU B 323 -19.10 7.20 -3.37
CA GLU B 323 -20.17 7.81 -2.59
C GLU B 323 -21.34 6.88 -2.44
N ALA B 324 -21.63 6.08 -3.46
CA ALA B 324 -22.62 5.04 -3.30
C ALA B 324 -22.12 4.03 -2.31
N LEU B 325 -20.83 3.66 -2.39
CA LEU B 325 -20.25 2.76 -1.40
C LEU B 325 -20.33 3.35 -0.01
N ARG B 326 -20.24 4.67 0.10
CA ARG B 326 -20.31 5.29 1.40
C ARG B 326 -21.68 5.09 2.00
N LEU B 327 -22.72 5.56 1.31
CA LEU B 327 -24.06 5.50 1.89
C LEU B 327 -24.52 4.05 2.04
N TRP B 328 -24.21 3.19 1.10
CA TRP B 328 -24.71 1.82 1.14
C TRP B 328 -23.62 0.85 0.73
N PRO B 329 -22.60 0.67 1.58
CA PRO B 329 -21.61 -0.40 1.34
C PRO B 329 -22.30 -1.74 1.26
N THR B 330 -22.22 -2.35 0.07
CA THR B 330 -22.93 -3.59 -0.18
C THR B 330 -22.36 -4.75 0.63
N ALA B 331 -21.15 -4.59 1.13
CA ALA B 331 -20.57 -5.49 2.11
C ALA B 331 -20.59 -4.78 3.45
N PRO B 332 -21.76 -4.60 4.06
CA PRO B 332 -21.92 -3.53 5.06
C PRO B 332 -21.27 -3.83 6.40
N ALA B 333 -20.69 -5.01 6.60
CA ALA B 333 -20.01 -5.27 7.86
C ALA B 333 -18.84 -6.23 7.67
N PHE B 334 -17.85 -6.07 8.51
CA PHE B 334 -16.81 -7.07 8.65
C PHE B 334 -16.50 -7.18 10.13
N SER B 335 -16.09 -8.37 10.52
CA SER B 335 -15.88 -8.69 11.93
C SER B 335 -14.41 -8.66 12.20
N LEU B 336 -14.05 -8.22 13.41
CA LEU B 336 -12.68 -8.22 13.90
C LEU B 336 -12.66 -8.82 15.30
N TYR B 337 -11.50 -9.32 15.70
CA TYR B 337 -11.28 -9.78 17.07
C TYR B 337 -9.97 -9.20 17.56
N ALA B 338 -9.89 -9.00 18.89
CA ALA B 338 -8.70 -8.46 19.53
C ALA B 338 -7.60 -9.51 19.54
N LYS B 339 -6.46 -9.19 18.93
CA LYS B 339 -5.32 -10.10 19.00
C LYS B 339 -4.80 -10.22 20.43
N GLU B 340 -4.88 -9.15 21.20
CA GLU B 340 -4.41 -9.17 22.57
C GLU B 340 -5.34 -8.26 23.36
N ASP B 341 -5.19 -8.28 24.68
CA ASP B 341 -5.86 -7.31 25.53
C ASP B 341 -5.53 -5.91 25.05
N THR B 342 -6.56 -5.10 24.84
CA THR B 342 -6.38 -3.75 24.37
C THR B 342 -7.57 -2.91 24.82
N VAL B 343 -7.43 -1.61 24.67
CA VAL B 343 -8.46 -0.68 25.09
C VAL B 343 -8.91 0.08 23.85
N LEU B 344 -10.20 0.04 23.57
CA LEU B 344 -10.74 0.73 22.43
C LEU B 344 -11.24 2.11 22.82
N GLY B 345 -10.64 3.14 22.26
CA GLY B 345 -11.04 4.50 22.53
C GLY B 345 -10.61 5.01 23.88
N GLY B 346 -9.77 4.28 24.59
CA GLY B 346 -9.44 4.64 25.93
C GLY B 346 -10.60 4.50 26.88
N GLU B 347 -11.68 3.84 26.46
CA GLU B 347 -12.87 3.77 27.31
C GLU B 347 -13.34 2.33 27.47
N TYR B 348 -13.13 1.51 26.44
CA TYR B 348 -13.74 0.18 26.39
C TYR B 348 -12.65 -0.87 26.41
N PRO B 349 -12.28 -1.39 27.57
CA PRO B 349 -11.27 -2.45 27.62
C PRO B 349 -11.78 -3.72 26.94
N LEU B 350 -10.99 -4.21 26.01
CA LEU B 350 -11.29 -5.43 25.29
C LEU B 350 -10.29 -6.52 25.67
N GLU B 351 -10.80 -7.73 25.88
CA GLU B 351 -9.98 -8.88 26.16
C GLU B 351 -9.58 -9.56 24.86
N LYS B 352 -8.44 -10.24 24.89
CA LYS B 352 -7.98 -11.02 23.74
C LYS B 352 -9.11 -11.93 23.26
N GLY B 353 -9.32 -11.92 21.95
CA GLY B 353 -10.39 -12.69 21.35
C GLY B 353 -11.72 -11.98 21.27
N ASP B 354 -11.89 -10.88 22.00
CA ASP B 354 -13.14 -10.14 21.95
C ASP B 354 -13.45 -9.68 20.53
N GLU B 355 -14.71 -9.83 20.15
CA GLU B 355 -15.09 -9.59 18.77
C GLU B 355 -15.64 -8.18 18.64
N LEU B 356 -15.39 -7.58 17.49
CA LEU B 356 -15.98 -6.33 17.09
C LEU B 356 -16.72 -6.56 15.78
N MET B 357 -17.72 -5.72 15.51
CA MET B 357 -18.32 -5.64 14.18
C MET B 357 -18.22 -4.20 13.72
N VAL B 358 -17.70 -3.99 12.51
CA VAL B 358 -17.63 -2.67 11.91
C VAL B 358 -18.89 -2.50 11.08
N LEU B 359 -19.81 -1.70 11.59
CA LEU B 359 -21.06 -1.39 10.92
C LEU B 359 -20.77 -0.33 9.87
N ILE B 360 -20.40 -0.79 8.69
CA ILE B 360 -19.81 0.11 7.70
C ILE B 360 -20.78 1.20 7.30
N PRO B 361 -22.07 0.91 7.02
CA PRO B 361 -22.99 2.01 6.67
C PRO B 361 -23.04 3.10 7.73
N GLN B 362 -22.97 2.71 9.00
CA GLN B 362 -23.01 3.70 10.06
C GLN B 362 -21.70 4.47 10.12
N LEU B 363 -20.56 3.79 10.02
CA LEU B 363 -19.28 4.48 9.94
C LEU B 363 -19.31 5.56 8.88
N HIS B 364 -19.84 5.21 7.71
CA HIS B 364 -19.96 6.09 6.56
C HIS B 364 -20.96 7.21 6.77
N ARG B 365 -21.64 7.19 7.90
CA ARG B 365 -22.56 8.23 8.29
C ARG B 365 -22.08 9.01 9.49
N ASP B 366 -20.84 8.80 9.92
CA ASP B 366 -20.23 9.52 11.03
C ASP B 366 -20.18 11.00 10.69
N LYS B 367 -21.09 11.77 11.30
CA LYS B 367 -21.17 13.18 10.98
C LYS B 367 -19.90 13.90 11.39
N THR B 368 -19.18 13.36 12.37
CA THR B 368 -17.94 14.01 12.76
C THR B 368 -16.91 13.90 11.63
N ILE B 369 -17.11 12.98 10.71
CA ILE B 369 -16.17 12.80 9.63
C ILE B 369 -16.66 13.51 8.38
N TRP B 370 -17.93 13.31 8.05
CA TRP B 370 -18.45 13.72 6.76
C TRP B 370 -19.25 15.02 6.80
N GLY B 371 -19.57 15.48 7.99
CA GLY B 371 -20.46 16.62 8.15
C GLY B 371 -21.87 16.14 8.39
N ASP B 372 -22.79 17.08 8.47
CA ASP B 372 -24.16 16.76 8.72
C ASP B 372 -24.92 16.21 7.51
N ASP B 373 -24.56 16.63 6.30
CA ASP B 373 -25.22 16.18 5.07
C ASP B 373 -24.88 14.76 4.72
N VAL B 374 -24.61 13.94 5.70
CA VAL B 374 -24.13 12.60 5.48
C VAL B 374 -25.05 11.77 4.63
N GLU B 375 -26.33 12.06 4.65
CA GLU B 375 -27.29 11.33 3.86
C GLU B 375 -27.25 11.80 2.40
N GLU B 376 -26.70 12.95 2.16
CA GLU B 376 -26.66 13.48 0.84
C GLU B 376 -25.69 12.76 -0.03
N PHE B 377 -26.09 12.52 -1.26
CA PHE B 377 -25.20 11.88 -2.21
C PHE B 377 -24.38 12.96 -2.89
N ARG B 378 -23.13 13.09 -2.48
CA ARG B 378 -22.22 14.12 -2.99
C ARG B 378 -20.89 13.47 -3.29
N PRO B 379 -20.71 12.94 -4.53
CA PRO B 379 -19.47 12.25 -4.85
C PRO B 379 -18.27 13.11 -4.56
N GLU B 380 -18.45 14.44 -4.55
CA GLU B 380 -17.32 15.34 -4.35
C GLU B 380 -16.57 15.08 -3.06
N ARG B 381 -17.19 14.41 -2.10
CA ARG B 381 -16.54 14.05 -0.87
C ARG B 381 -15.24 13.31 -1.13
N PHE B 382 -15.15 12.62 -2.27
CA PHE B 382 -14.01 11.79 -2.59
C PHE B 382 -13.08 12.41 -3.63
N GLU B 383 -13.18 13.72 -3.84
CA GLU B 383 -12.21 14.38 -4.73
C GLU B 383 -10.79 14.06 -4.30
N ASN B 384 -10.51 14.07 -3.01
CA ASN B 384 -9.17 13.81 -2.52
C ASN B 384 -9.20 12.80 -1.38
N PRO B 385 -8.59 11.62 -1.55
CA PRO B 385 -8.60 10.68 -0.43
C PRO B 385 -7.77 11.14 0.74
N SER B 386 -6.86 12.08 0.54
CA SER B 386 -6.07 12.61 1.64
C SER B 386 -6.91 13.49 2.55
N ALA B 387 -8.03 14.01 2.05
CA ALA B 387 -8.94 14.78 2.87
C ALA B 387 -9.90 13.89 3.65
N ILE B 388 -9.77 12.58 3.52
CA ILE B 388 -10.66 11.62 4.16
C ILE B 388 -9.91 11.01 5.33
N PRO B 389 -10.39 11.17 6.56
CA PRO B 389 -9.63 10.69 7.72
C PRO B 389 -9.39 9.20 7.62
N GLN B 390 -8.38 8.75 8.36
CA GLN B 390 -8.02 7.34 8.35
C GLN B 390 -9.19 6.44 8.75
N HIS B 391 -9.49 5.46 7.92
CA HIS B 391 -10.48 4.45 8.23
C HIS B 391 -11.89 5.01 8.32
N ALA B 392 -12.11 6.21 7.78
CA ALA B 392 -13.45 6.75 7.70
C ALA B 392 -14.30 6.05 6.63
N PHE B 393 -13.67 5.42 5.64
CA PHE B 393 -14.32 4.91 4.43
C PHE B 393 -13.79 3.51 4.22
N LYS B 394 -14.58 2.50 4.61
CA LYS B 394 -14.10 1.12 4.63
C LYS B 394 -15.05 0.17 3.88
N PRO B 395 -15.52 0.53 2.68
CA PRO B 395 -16.46 -0.38 1.99
C PRO B 395 -15.81 -1.68 1.61
N PHE B 396 -14.48 -1.74 1.56
CA PHE B 396 -13.77 -2.94 1.14
C PHE B 396 -12.99 -3.59 2.27
N GLY B 397 -13.40 -3.35 3.53
CA GLY B 397 -12.77 -4.00 4.65
C GLY B 397 -11.47 -3.30 4.97
N ASN B 398 -10.62 -4.01 5.67
CA ASN B 398 -9.43 -3.38 6.23
C ASN B 398 -8.16 -4.19 5.99
N GLY B 399 -7.08 -3.47 5.69
CA GLY B 399 -5.74 -4.00 5.77
C GLY B 399 -5.51 -5.17 4.83
N GLN B 400 -4.78 -6.16 5.32
CA GLN B 400 -4.44 -7.30 4.50
C GLN B 400 -5.65 -8.15 4.19
N ARG B 401 -6.70 -8.07 5.02
CA ARG B 401 -7.97 -8.74 4.77
C ARG B 401 -8.96 -7.85 4.06
N ALA B 402 -8.51 -6.74 3.48
CA ALA B 402 -9.37 -5.90 2.68
C ALA B 402 -9.76 -6.66 1.43
N CYS B 403 -10.77 -6.13 0.76
CA CYS B 403 -11.24 -6.74 -0.47
C CYS B 403 -10.14 -6.84 -1.51
N ILE B 404 -9.71 -8.06 -1.79
CA ILE B 404 -8.74 -8.26 -2.86
C ILE B 404 -9.34 -7.84 -4.19
N GLY B 405 -10.66 -7.90 -4.31
CA GLY B 405 -11.32 -7.59 -5.56
C GLY B 405 -11.76 -6.15 -5.75
N GLN B 406 -11.25 -5.24 -4.92
CA GLN B 406 -11.72 -3.85 -4.95
C GLN B 406 -11.49 -3.19 -6.30
N GLN B 407 -10.25 -3.20 -6.78
CA GLN B 407 -9.95 -2.61 -8.09
C GLN B 407 -10.77 -3.29 -9.18
N PHE B 408 -10.90 -4.62 -9.14
CA PHE B 408 -11.75 -5.33 -10.10
C PHE B 408 -13.17 -4.81 -10.03
N ALA B 409 -13.74 -4.77 -8.83
CA ALA B 409 -15.11 -4.27 -8.64
C ALA B 409 -15.26 -2.84 -9.11
N LEU B 410 -14.29 -1.99 -8.79
CA LEU B 410 -14.39 -0.59 -9.18
C LEU B 410 -14.15 -0.40 -10.68
N HIS B 411 -13.22 -1.14 -11.24
CA HIS B 411 -13.01 -1.01 -12.67
C HIS B 411 -14.25 -1.48 -13.42
N GLU B 412 -14.76 -2.64 -13.05
CA GLU B 412 -15.99 -3.12 -13.64
C GLU B 412 -17.10 -2.10 -13.49
N ALA B 413 -17.34 -1.64 -12.26
CA ALA B 413 -18.44 -0.71 -12.00
C ALA B 413 -18.24 0.61 -12.72
N THR B 414 -17.01 1.10 -12.75
CA THR B 414 -16.75 2.36 -13.40
C THR B 414 -16.99 2.22 -14.88
N LEU B 415 -16.50 1.13 -15.47
CA LEU B 415 -16.69 0.87 -16.90
C LEU B 415 -18.16 0.91 -17.23
N VAL B 416 -18.91 0.02 -16.63
CA VAL B 416 -20.29 -0.15 -16.99
C VAL B 416 -21.11 1.10 -16.69
N LEU B 417 -20.94 1.67 -15.53
CA LEU B 417 -21.62 2.90 -15.19
C LEU B 417 -21.27 3.98 -16.18
N GLY B 418 -19.98 4.12 -16.49
CA GLY B 418 -19.57 5.07 -17.50
C GLY B 418 -20.27 4.82 -18.82
N MET B 419 -20.26 3.57 -19.27
CA MET B 419 -20.95 3.24 -20.51
C MET B 419 -22.43 3.53 -20.40
N MET B 420 -23.01 3.21 -19.24
CA MET B 420 -24.40 3.53 -18.98
C MET B 420 -24.64 5.03 -19.12
N LEU B 421 -23.78 5.84 -18.51
CA LEU B 421 -24.01 7.27 -18.56
C LEU B 421 -23.74 7.83 -19.94
N LYS B 422 -22.85 7.20 -20.70
CA LYS B 422 -22.54 7.67 -22.04
C LYS B 422 -23.71 7.44 -22.97
N HIS B 423 -24.41 6.32 -22.81
CA HIS B 423 -25.34 5.85 -23.83
C HIS B 423 -26.80 6.11 -23.50
N PHE B 424 -27.12 6.46 -22.27
CA PHE B 424 -28.51 6.57 -21.87
C PHE B 424 -28.73 7.77 -20.97
N ASP B 425 -29.83 8.47 -21.22
CA ASP B 425 -30.46 9.32 -20.21
C ASP B 425 -31.40 8.44 -19.40
N PHE B 426 -31.33 8.58 -18.09
CA PHE B 426 -32.08 7.70 -17.21
C PHE B 426 -33.24 8.43 -16.56
N GLU B 427 -34.35 7.74 -16.44
CA GLU B 427 -35.54 8.31 -15.82
C GLU B 427 -35.92 7.46 -14.62
N ASP B 428 -36.11 8.12 -13.48
CA ASP B 428 -36.67 7.49 -12.29
C ASP B 428 -38.19 7.53 -12.42
N HIS B 429 -38.68 6.73 -13.38
CA HIS B 429 -40.07 6.84 -13.81
C HIS B 429 -41.05 6.43 -12.74
N THR B 430 -40.62 5.71 -11.70
CA THR B 430 -41.55 5.27 -10.65
C THR B 430 -41.42 6.08 -9.38
N ASN B 431 -40.59 7.13 -9.36
CA ASN B 431 -40.19 7.79 -8.12
C ASN B 431 -39.81 6.73 -7.09
N TYR B 432 -38.89 5.85 -7.49
CA TYR B 432 -38.61 4.63 -6.74
C TYR B 432 -38.28 4.93 -5.29
N GLU B 433 -38.93 4.18 -4.41
CA GLU B 433 -38.72 4.26 -2.97
C GLU B 433 -37.64 3.28 -2.56
N LEU B 434 -36.53 3.81 -2.04
CA LEU B 434 -35.42 2.94 -1.69
C LEU B 434 -35.88 1.86 -0.74
N ASP B 435 -35.83 0.61 -1.17
CA ASP B 435 -36.17 -0.55 -0.35
C ASP B 435 -34.97 -1.49 -0.43
N ILE B 436 -34.20 -1.57 0.65
CA ILE B 436 -32.93 -2.28 0.62
C ILE B 436 -33.19 -3.70 1.10
N LYS B 437 -33.16 -4.64 0.16
CA LYS B 437 -33.22 -6.05 0.48
C LYS B 437 -31.87 -6.47 1.05
N GLU B 438 -31.91 -7.29 2.08
CA GLU B 438 -30.73 -7.74 2.78
C GLU B 438 -30.62 -9.26 2.71
N THR B 439 -29.54 -9.75 2.12
CA THR B 439 -29.08 -11.11 2.31
C THR B 439 -27.85 -11.01 3.19
N LEU B 440 -26.69 -11.38 2.68
CA LEU B 440 -25.44 -10.95 3.27
C LEU B 440 -24.88 -9.72 2.57
N THR B 441 -25.55 -9.28 1.52
CA THR B 441 -25.24 -8.05 0.84
C THR B 441 -26.50 -7.19 0.83
N LEU B 442 -26.34 -5.98 0.34
CA LEU B 442 -27.43 -5.03 0.26
C LEU B 442 -27.70 -4.76 -1.21
N LYS B 443 -28.96 -4.58 -1.55
CA LYS B 443 -29.33 -4.23 -2.92
C LYS B 443 -30.60 -3.39 -2.86
N PRO B 444 -30.76 -2.41 -3.74
CA PRO B 444 -32.03 -1.68 -3.78
C PRO B 444 -33.13 -2.49 -4.46
N GLU B 445 -33.96 -3.15 -3.67
CA GLU B 445 -34.97 -4.04 -4.25
C GLU B 445 -35.99 -3.26 -5.06
N GLY B 446 -36.40 -3.86 -6.18
CA GLY B 446 -37.43 -3.28 -7.01
C GLY B 446 -37.04 -1.96 -7.63
N PHE B 447 -35.76 -1.64 -7.60
CA PHE B 447 -35.28 -0.42 -8.21
C PHE B 447 -35.38 -0.54 -9.72
N VAL B 448 -36.18 0.32 -10.33
CA VAL B 448 -36.39 0.26 -11.76
C VAL B 448 -36.14 1.63 -12.33
N VAL B 449 -35.66 1.64 -13.57
CA VAL B 449 -35.42 2.86 -14.30
C VAL B 449 -35.80 2.66 -15.77
N LYS B 450 -36.04 3.76 -16.47
CA LYS B 450 -36.08 3.76 -17.93
C LYS B 450 -34.79 4.36 -18.45
N ALA B 451 -34.20 3.72 -19.45
CA ALA B 451 -32.98 4.20 -20.08
C ALA B 451 -33.32 4.62 -21.52
N LYS B 452 -33.33 5.93 -21.75
CA LYS B 452 -33.54 6.48 -23.08
C LYS B 452 -32.20 6.51 -23.79
N SER B 453 -32.10 5.75 -24.87
CA SER B 453 -30.84 5.68 -25.57
C SER B 453 -30.46 7.04 -26.12
N LYS B 454 -29.21 7.45 -25.89
CA LYS B 454 -28.65 8.59 -26.59
C LYS B 454 -28.32 8.25 -28.04
N LYS B 455 -28.53 7.00 -28.49
CA LYS B 455 -28.28 6.58 -29.86
C LYS B 455 -26.83 6.81 -30.26
N ILE B 456 -25.90 6.52 -29.36
CA ILE B 456 -24.46 6.58 -29.63
C ILE B 456 -24.00 5.16 -29.97
N PRO B 457 -23.53 4.91 -31.20
CA PRO B 457 -23.28 3.52 -31.61
C PRO B 457 -22.15 2.90 -30.78
N LEU B 458 -22.07 1.58 -30.91
CA LEU B 458 -21.03 0.80 -30.27
C LEU B 458 -20.09 0.24 -31.33
#